data_4UZI
#
_entry.id   4UZI
#
_cell.length_a   67.330
_cell.length_b   45.710
_cell.length_c   140.470
_cell.angle_alpha   90.00
_cell.angle_beta   91.61
_cell.angle_gamma   90.00
#
_symmetry.space_group_name_H-M   'P 1 21 1'
#
loop_
_entity.id
_entity.type
_entity.pdbx_description
1 polymer 'DYE-DECOLORIZING PEROXIDASE'
2 branched 2-acetamido-2-deoxy-beta-D-glucopyranose-(1-4)-2-acetamido-2-deoxy-beta-D-glucopyranose
3 branched beta-D-mannopyranose-(1-4)-2-acetamido-2-deoxy-beta-D-glucopyranose-(1-4)-2-acetamido-2-deoxy-beta-D-glucopyranose
4 non-polymer 'PROTOPORPHYRIN IX CONTAINING FE'
5 non-polymer 2-acetamido-2-deoxy-beta-D-glucopyranose
6 non-polymer IMIDAZOLE
7 non-polymer (4R)-2-METHYLPENTANE-2,4-DIOL
8 non-polymer (4S)-2-METHYL-2,4-PENTANEDIOL
9 non-polymer 'FORMIC ACID'
10 non-polymer '4-(2-HYDROXYETHYL)-1-PIPERAZINE ETHANESULFONIC ACID'
11 non-polymer 'ACETATE ION'
12 non-polymer 'OXALIC ACID'
13 non-polymer 'POTASSIUM ION'
14 non-polymer 'GLYCOLIC ACID'
15 water water
#
_entity_poly.entity_id   1
_entity_poly.type   'polypeptide(L)'
_entity_poly.pdbx_seq_one_letter_code
;SLNTDDIQGDILVGMHKQKQLFYFFAINDPATFKTHLASDIAPVVASVTQLSNVATQPLVALNIAFSNTGLLALGVTDNL
GDSLFANGQAKDATSFKESTSSWVPQFAGTGIHGVIILASDTTDLIDQQVASIESTFGSSISKLYSLSASIRPGNEAGHE
MFGFLDGIAQPAINGFNTPLPGQNIVDAGVIITGATNDPITRPSWAVGGSFLAFRQLEQLVPEFNKYLLDNAPAGSGSLQ
ARADLLGARMVGRWKSGAPIDLTPTADDPALGADAQRNNNFTYSHAGFDLGSDQSHCPFSAHIRKTRPRADLGGSLTPPN
LSAGANSIMRSGIPYGPEVTSAESASNTTTQERGLAFVAYQAQLSQGFHFLQQTWADNANFPPGKTPATVGLDPIIGQNN
GQPRVVNGLLPSNSSASLSIPQFVVSHGGEYFFSPPISAIGGRLSA
;
_entity_poly.pdbx_strand_id   A,B
#
# COMPACT_ATOMS: atom_id res chain seq x y z
N SER A 1 38.11 16.15 -1.55
CA SER A 1 37.83 16.04 -0.09
C SER A 1 36.69 15.06 0.19
N LEU A 2 35.46 15.58 0.20
CA LEU A 2 34.28 14.73 0.37
C LEU A 2 34.11 13.77 -0.81
N ASN A 3 34.30 12.48 -0.56
CA ASN A 3 34.04 11.47 -1.57
C ASN A 3 32.54 11.16 -1.71
N THR A 4 31.87 11.89 -2.59
CA THR A 4 30.42 11.78 -2.70
C THR A 4 29.95 10.50 -3.38
N ASP A 5 30.86 9.83 -4.08
CA ASP A 5 30.56 8.50 -4.62
C ASP A 5 30.34 7.48 -3.51
N ASP A 6 30.83 7.78 -2.32
CA ASP A 6 30.79 6.83 -1.21
C ASP A 6 29.77 7.19 -0.13
N ILE A 7 29.07 8.30 -0.33
CA ILE A 7 28.10 8.76 0.66
C ILE A 7 26.67 8.47 0.20
N GLN A 8 25.92 7.77 1.05
CA GLN A 8 24.53 7.43 0.74
C GLN A 8 23.72 8.69 0.45
N GLY A 9 22.96 8.68 -0.65
CA GLY A 9 22.41 9.90 -1.23
C GLY A 9 21.50 10.71 -0.32
N ASP A 10 20.67 10.02 0.47
CA ASP A 10 19.67 10.66 1.32
C ASP A 10 20.28 11.59 2.36
N ILE A 11 21.51 11.29 2.77
CA ILE A 11 22.18 12.06 3.82
C ILE A 11 22.33 13.52 3.41
N LEU A 12 22.73 13.74 2.15
CA LEU A 12 23.16 15.05 1.70
C LEU A 12 22.19 15.71 0.72
N VAL A 13 21.48 14.90 -0.07
CA VAL A 13 20.67 15.46 -1.16
C VAL A 13 19.22 15.01 -1.15
N GLY A 14 18.90 14.00 -0.34
CA GLY A 14 17.56 13.40 -0.37
C GLY A 14 17.39 12.47 -1.55
N MET A 15 16.26 11.76 -1.59
CA MET A 15 16.05 10.66 -2.53
C MET A 15 15.44 11.14 -3.86
N HIS A 16 14.90 12.35 -3.87
CA HIS A 16 14.37 12.93 -5.10
C HIS A 16 13.31 12.05 -5.77
N LYS A 17 12.38 11.54 -4.98
CA LYS A 17 11.28 10.70 -5.50
C LYS A 17 9.98 11.06 -4.81
N GLN A 18 8.86 10.63 -5.42
CA GLN A 18 7.53 10.94 -4.88
C GLN A 18 7.19 10.12 -3.64
N LYS A 19 7.62 8.87 -3.64
CA LYS A 19 7.25 7.93 -2.58
C LYS A 19 8.48 7.40 -1.86
N GLN A 20 8.34 7.16 -0.57
CA GLN A 20 9.34 6.41 0.17
C GLN A 20 8.71 5.36 1.07
N LEU A 21 9.46 4.28 1.30
CA LEU A 21 9.11 3.31 2.32
C LEU A 21 10.26 3.20 3.30
N PHE A 22 9.94 3.17 4.59
CA PHE A 22 10.91 2.89 5.62
C PHE A 22 10.68 1.49 6.12
N TYR A 23 11.62 0.61 5.83
CA TYR A 23 11.42 -0.81 6.01
C TYR A 23 12.32 -1.25 7.18
N PHE A 24 11.71 -1.46 8.34
CA PHE A 24 12.50 -1.77 9.52
C PHE A 24 12.61 -3.29 9.71
N PHE A 25 13.84 -3.79 9.77
CA PHE A 25 14.06 -5.24 9.76
C PHE A 25 14.86 -5.73 10.97
N ALA A 26 14.91 -7.05 11.10
CA ALA A 26 15.81 -7.71 12.01
C ALA A 26 16.62 -8.72 11.20
N ILE A 27 17.83 -9.02 11.67
CA ILE A 27 18.68 -10.02 11.02
C ILE A 27 18.61 -11.34 11.80
N ASN A 28 18.17 -12.39 11.12
CA ASN A 28 17.93 -13.67 11.76
C ASN A 28 19.14 -14.57 11.65
N ASP A 29 19.86 -14.42 10.55
CA ASP A 29 20.94 -15.33 10.19
C ASP A 29 22.06 -14.52 9.56
N PRO A 30 22.98 -14.03 10.39
CA PRO A 30 23.98 -13.05 9.98
C PRO A 30 24.82 -13.52 8.80
N ALA A 31 25.33 -14.75 8.85
CA ALA A 31 26.16 -15.28 7.77
C ALA A 31 25.48 -15.09 6.40
N THR A 32 24.23 -15.54 6.30
CA THR A 32 23.47 -15.46 5.06
C THR A 32 23.15 -14.01 4.70
N PHE A 33 22.72 -13.25 5.70
CA PHE A 33 22.41 -11.84 5.49
C PHE A 33 23.61 -11.11 4.88
N LYS A 34 24.78 -11.31 5.46
CA LYS A 34 26.01 -10.72 4.94
C LYS A 34 26.21 -11.03 3.46
N THR A 35 26.04 -12.29 3.10
CA THR A 35 26.23 -12.72 1.72
C THR A 35 25.46 -11.82 0.79
N HIS A 36 24.20 -11.57 1.12
CA HIS A 36 23.30 -10.89 0.22
C HIS A 36 23.44 -9.39 0.34
N LEU A 37 23.86 -8.94 1.52
CA LEU A 37 24.22 -7.55 1.71
C LEU A 37 25.31 -7.15 0.71
N ALA A 38 26.31 -8.01 0.55
CA ALA A 38 27.42 -7.72 -0.33
C ALA A 38 27.05 -7.86 -1.81
N SER A 39 26.44 -9.00 -2.15
N SER A 39 26.46 -9.01 -2.16
CA SER A 39 26.18 -9.32 -3.55
CA SER A 39 26.19 -9.31 -3.56
C SER A 39 24.96 -8.58 -4.09
C SER A 39 24.97 -8.57 -4.09
N ASP A 40 23.97 -8.40 -3.24
CA ASP A 40 22.68 -7.89 -3.69
C ASP A 40 22.42 -6.43 -3.35
N ILE A 41 22.71 -6.04 -2.11
CA ILE A 41 22.39 -4.67 -1.66
C ILE A 41 23.46 -3.66 -2.07
N ALA A 42 24.72 -3.93 -1.72
CA ALA A 42 25.78 -2.92 -1.89
C ALA A 42 25.76 -2.28 -3.28
N PRO A 43 25.63 -3.10 -4.33
CA PRO A 43 25.73 -2.61 -5.71
C PRO A 43 24.63 -1.61 -6.07
N VAL A 44 23.49 -1.66 -5.39
CA VAL A 44 22.37 -0.79 -5.75
C VAL A 44 22.11 0.33 -4.77
N VAL A 45 22.97 0.49 -3.77
CA VAL A 45 22.82 1.62 -2.86
C VAL A 45 23.11 2.92 -3.59
N ALA A 46 22.18 3.87 -3.49
CA ALA A 46 22.27 5.12 -4.25
C ALA A 46 23.16 6.14 -3.56
N SER A 47 24.20 6.57 -4.26
CA SER A 47 25.15 7.55 -3.74
C SER A 47 24.67 8.97 -3.99
N VAL A 48 25.31 9.93 -3.33
CA VAL A 48 25.05 11.34 -3.58
C VAL A 48 25.35 11.70 -5.03
N THR A 49 26.41 11.12 -5.58
CA THR A 49 26.76 11.34 -6.98
C THR A 49 25.62 10.93 -7.91
N GLN A 50 25.14 9.71 -7.75
CA GLN A 50 24.12 9.19 -8.66
C GLN A 50 22.86 10.01 -8.58
N LEU A 51 22.47 10.38 -7.37
CA LEU A 51 21.21 11.08 -7.14
C LEU A 51 21.26 12.55 -7.56
N SER A 52 22.46 13.07 -7.83
CA SER A 52 22.63 14.48 -8.15
C SER A 52 22.55 14.73 -9.64
N ASN A 53 22.43 13.65 -10.41
CA ASN A 53 22.37 13.72 -11.86
C ASN A 53 20.99 13.27 -12.35
N VAL A 54 20.23 14.21 -12.91
CA VAL A 54 18.87 13.96 -13.36
C VAL A 54 18.78 12.68 -14.18
N ALA A 55 19.87 12.34 -14.84
CA ALA A 55 19.84 11.24 -15.81
C ALA A 55 20.43 9.94 -15.27
N THR A 56 20.81 9.93 -13.99
CA THR A 56 21.27 8.70 -13.35
C THR A 56 20.46 8.34 -12.10
N GLN A 57 19.33 9.02 -11.93
CA GLN A 57 18.33 8.61 -10.94
C GLN A 57 17.98 7.14 -11.15
N PRO A 58 18.13 6.33 -10.11
CA PRO A 58 17.66 4.95 -10.21
C PRO A 58 16.14 4.87 -10.24
N LEU A 59 15.63 3.79 -10.81
CA LEU A 59 14.20 3.55 -10.84
C LEU A 59 13.69 3.40 -9.41
N VAL A 60 14.42 2.65 -8.60
CA VAL A 60 14.19 2.62 -7.15
C VAL A 60 15.48 2.97 -6.42
N ALA A 61 15.46 4.09 -5.71
CA ALA A 61 16.59 4.51 -4.88
C ALA A 61 16.59 3.76 -3.55
N LEU A 62 17.76 3.23 -3.19
CA LEU A 62 17.89 2.46 -1.96
C LEU A 62 19.01 3.01 -1.08
N ASN A 63 18.68 3.27 0.18
CA ASN A 63 19.70 3.53 1.21
C ASN A 63 19.49 2.53 2.33
N ILE A 64 20.49 2.36 3.18
CA ILE A 64 20.38 1.38 4.27
C ILE A 64 21.18 1.86 5.46
N ALA A 65 20.65 1.62 6.66
CA ALA A 65 21.29 2.06 7.89
C ALA A 65 21.04 1.03 8.97
N PHE A 66 21.93 0.96 9.94
CA PHE A 66 21.84 -0.05 10.99
C PHE A 66 21.77 0.54 12.38
N SER A 67 21.02 -0.12 13.25
CA SER A 67 21.00 0.22 14.66
C SER A 67 22.24 -0.34 15.35
N ASN A 68 22.46 0.10 16.58
CA ASN A 68 23.49 -0.51 17.42
C ASN A 68 23.36 -2.02 17.48
N THR A 69 22.17 -2.50 17.80
CA THR A 69 21.92 -3.94 17.87
C THR A 69 22.08 -4.61 16.52
N GLY A 70 21.81 -3.87 15.45
CA GLY A 70 21.99 -4.39 14.10
C GLY A 70 23.46 -4.61 13.80
N LEU A 71 24.27 -3.63 14.17
CA LEU A 71 25.72 -3.73 14.02
C LEU A 71 26.26 -4.92 14.82
N LEU A 72 25.77 -5.08 16.05
CA LEU A 72 26.14 -6.22 16.87
C LEU A 72 25.77 -7.54 16.20
N ALA A 73 24.55 -7.61 15.65
CA ALA A 73 24.11 -8.82 14.96
C ALA A 73 25.06 -9.18 13.82
N LEU A 74 25.72 -8.16 13.27
CA LEU A 74 26.68 -8.35 12.20
C LEU A 74 28.11 -8.59 12.68
N GLY A 75 28.29 -8.77 13.99
CA GLY A 75 29.62 -9.02 14.54
C GLY A 75 30.54 -7.81 14.45
N VAL A 76 29.93 -6.63 14.41
CA VAL A 76 30.69 -5.39 14.42
C VAL A 76 30.58 -4.77 15.79
N THR A 77 31.66 -4.88 16.55
CA THR A 77 31.63 -4.48 17.95
C THR A 77 32.38 -3.15 18.16
N ASP A 78 32.77 -2.52 17.05
CA ASP A 78 33.58 -1.31 17.11
C ASP A 78 32.78 -0.17 17.71
N ASN A 79 33.48 0.75 18.36
CA ASN A 79 32.87 1.94 18.92
C ASN A 79 32.68 3.01 17.83
N LEU A 80 31.43 3.34 17.53
CA LEU A 80 31.14 4.38 16.54
C LEU A 80 31.26 5.78 17.16
N GLY A 81 31.49 5.82 18.47
CA GLY A 81 31.77 7.09 19.15
C GLY A 81 30.52 7.90 19.42
N ASP A 82 29.38 7.21 19.52
CA ASP A 82 28.12 7.89 19.81
C ASP A 82 27.28 7.17 20.85
N SER A 83 27.20 7.73 22.05
CA SER A 83 26.55 7.06 23.16
C SER A 83 25.03 6.99 23.01
N LEU A 84 24.44 8.02 22.41
CA LEU A 84 23.02 8.01 22.12
C LEU A 84 22.65 6.91 21.13
N PHE A 85 23.44 6.81 20.06
CA PHE A 85 23.27 5.72 19.10
C PHE A 85 23.37 4.36 19.80
N ALA A 86 24.41 4.20 20.62
CA ALA A 86 24.62 2.94 21.34
C ALA A 86 23.41 2.53 22.17
N ASN A 87 22.80 3.52 22.84
CA ASN A 87 21.65 3.30 23.72
C ASN A 87 20.33 3.07 22.99
N GLY A 88 20.21 3.63 21.79
CA GLY A 88 18.94 3.62 21.07
C GLY A 88 17.96 4.67 21.58
N GLN A 89 16.96 4.98 20.76
CA GLN A 89 16.16 6.18 21.00
C GLN A 89 15.09 5.96 22.06
N ALA A 90 14.67 4.72 22.24
CA ALA A 90 13.75 4.37 23.34
C ALA A 90 14.28 4.85 24.68
N LYS A 91 15.57 4.63 24.93
CA LYS A 91 16.17 5.06 26.19
C LYS A 91 16.35 6.57 26.30
N ASP A 92 16.17 7.27 25.18
CA ASP A 92 16.34 8.71 25.13
C ASP A 92 15.01 9.45 25.32
N ALA A 93 13.91 8.71 25.31
CA ALA A 93 12.58 9.31 25.28
C ALA A 93 12.35 10.26 26.46
N THR A 94 12.91 9.91 27.61
CA THR A 94 12.80 10.73 28.80
C THR A 94 13.35 12.13 28.58
N SER A 95 14.40 12.22 27.76
CA SER A 95 15.07 13.48 27.49
C SER A 95 14.14 14.48 26.80
N PHE A 96 13.14 13.96 26.11
CA PHE A 96 12.25 14.81 25.33
C PHE A 96 10.90 14.96 26.02
N LYS A 97 10.81 14.48 27.26
CA LYS A 97 9.57 14.61 28.03
C LYS A 97 8.39 14.03 27.28
N GLU A 98 8.59 12.81 26.78
CA GLU A 98 7.53 12.06 26.12
C GLU A 98 7.50 10.66 26.69
N SER A 99 6.30 10.08 26.79
CA SER A 99 6.14 8.71 27.26
C SER A 99 6.25 7.75 26.07
N THR A 100 6.91 6.62 26.27
CA THR A 100 6.93 5.59 25.24
C THR A 100 5.57 4.91 25.04
N SER A 101 4.60 5.25 25.88
CA SER A 101 3.25 4.69 25.77
C SER A 101 2.62 4.96 24.40
N SER A 102 3.05 6.04 23.75
CA SER A 102 2.48 6.41 22.46
C SER A 102 3.33 5.90 21.29
N TRP A 103 4.37 5.13 21.61
CA TRP A 103 5.33 4.69 20.60
C TRP A 103 4.79 3.49 19.83
N VAL A 104 5.08 3.44 18.54
CA VAL A 104 4.99 2.17 17.83
C VAL A 104 5.71 1.09 18.63
N PRO A 105 4.98 0.04 19.03
CA PRO A 105 5.57 -0.96 19.90
C PRO A 105 6.94 -1.43 19.42
N GLN A 106 7.13 -1.55 18.11
CA GLN A 106 8.40 -2.04 17.58
C GLN A 106 9.56 -1.07 17.83
N PHE A 107 9.25 0.22 18.00
CA PHE A 107 10.32 1.19 18.24
C PHE A 107 10.76 1.18 19.70
N ALA A 108 9.85 0.77 20.58
CA ALA A 108 10.08 0.80 22.01
C ALA A 108 10.90 -0.40 22.45
N GLY A 109 12.17 -0.42 22.06
CA GLY A 109 13.05 -1.56 22.29
C GLY A 109 14.26 -1.44 21.39
N THR A 110 15.08 -2.49 21.33
CA THR A 110 16.21 -2.52 20.42
C THR A 110 16.24 -3.79 19.57
N GLY A 111 15.07 -4.31 19.27
CA GLY A 111 14.93 -5.45 18.35
C GLY A 111 15.12 -5.08 16.89
N ILE A 112 14.95 -3.80 16.54
CA ILE A 112 15.12 -3.37 15.16
C ILE A 112 16.61 -3.19 14.85
N HIS A 113 17.06 -3.86 13.79
CA HIS A 113 18.50 -3.98 13.51
C HIS A 113 18.94 -2.99 12.45
N GLY A 114 17.99 -2.48 11.67
CA GLY A 114 18.30 -1.48 10.66
C GLY A 114 17.07 -1.06 9.90
N VAL A 115 17.26 -0.17 8.93
CA VAL A 115 16.16 0.31 8.12
C VAL A 115 16.61 0.40 6.67
N ILE A 116 15.78 -0.12 5.77
CA ILE A 116 16.00 0.07 4.35
C ILE A 116 15.07 1.16 3.87
N ILE A 117 15.66 2.20 3.27
CA ILE A 117 14.88 3.27 2.67
C ILE A 117 14.74 3.05 1.19
N LEU A 118 13.51 2.83 0.75
CA LEU A 118 13.21 2.73 -0.67
C LEU A 118 12.48 3.98 -1.14
N ALA A 119 12.91 4.51 -2.28
CA ALA A 119 12.24 5.66 -2.88
C ALA A 119 11.97 5.43 -4.36
N SER A 120 10.77 5.80 -4.79
CA SER A 120 10.35 5.63 -6.17
C SER A 120 9.22 6.61 -6.44
N ASP A 121 8.86 6.76 -7.71
CA ASP A 121 7.76 7.67 -8.05
C ASP A 121 6.39 7.01 -7.95
N THR A 122 6.37 5.69 -7.85
CA THR A 122 5.14 4.97 -7.53
C THR A 122 5.35 4.00 -6.37
N THR A 123 4.27 3.65 -5.70
CA THR A 123 4.33 2.65 -4.63
C THR A 123 4.37 1.23 -5.21
N ASP A 124 3.89 1.06 -6.44
CA ASP A 124 3.97 -0.22 -7.14
C ASP A 124 5.42 -0.69 -7.24
N LEU A 125 6.28 0.21 -7.69
CA LEU A 125 7.70 -0.07 -7.85
C LEU A 125 8.37 -0.42 -6.53
N ILE A 126 7.97 0.26 -5.47
CA ILE A 126 8.49 -0.01 -4.14
C ILE A 126 8.06 -1.40 -3.66
N ASP A 127 6.77 -1.70 -3.82
CA ASP A 127 6.21 -3.00 -3.47
C ASP A 127 6.95 -4.16 -4.14
N GLN A 128 7.24 -4.02 -5.42
CA GLN A 128 7.90 -5.08 -6.15
C GLN A 128 9.34 -5.21 -5.67
N GLN A 129 9.91 -4.11 -5.19
CA GLN A 129 11.31 -4.11 -4.78
C GLN A 129 11.45 -4.72 -3.41
N VAL A 130 10.45 -4.45 -2.56
CA VAL A 130 10.34 -5.13 -1.26
C VAL A 130 10.30 -6.64 -1.46
N ALA A 131 9.43 -7.10 -2.35
CA ALA A 131 9.31 -8.53 -2.64
C ALA A 131 10.66 -9.11 -3.09
N SER A 132 11.33 -8.39 -3.99
CA SER A 132 12.64 -8.78 -4.46
C SER A 132 13.63 -8.92 -3.31
N ILE A 133 13.65 -7.93 -2.42
CA ILE A 133 14.54 -7.98 -1.27
C ILE A 133 14.22 -9.15 -0.33
N GLU A 134 12.95 -9.40 -0.09
CA GLU A 134 12.55 -10.43 0.85
C GLU A 134 12.77 -11.83 0.30
N SER A 135 12.68 -11.98 -1.01
CA SER A 135 12.91 -13.27 -1.64
C SER A 135 14.42 -13.58 -1.73
N THR A 136 15.21 -12.53 -1.90
CA THR A 136 16.67 -12.66 -1.96
C THR A 136 17.27 -13.05 -0.60
N PHE A 137 16.75 -12.44 0.45
CA PHE A 137 17.30 -12.62 1.79
C PHE A 137 16.64 -13.81 2.49
N GLY A 138 15.49 -14.22 1.98
CA GLY A 138 14.77 -15.35 2.55
C GLY A 138 14.54 -15.15 4.03
N SER A 139 14.80 -16.19 4.81
CA SER A 139 14.53 -16.14 6.25
C SER A 139 15.63 -15.43 7.04
N SER A 140 16.67 -14.97 6.35
CA SER A 140 17.76 -14.29 7.04
C SER A 140 17.38 -12.88 7.50
N ILE A 141 16.35 -12.33 6.87
CA ILE A 141 15.82 -11.01 7.24
C ILE A 141 14.35 -11.16 7.66
N SER A 142 13.88 -10.26 8.52
CA SER A 142 12.48 -10.23 8.91
C SER A 142 11.97 -8.78 8.98
N LYS A 143 10.79 -8.55 8.43
CA LYS A 143 10.16 -7.24 8.56
C LYS A 143 9.48 -7.11 9.91
N LEU A 144 9.92 -6.13 10.69
CA LEU A 144 9.32 -5.86 11.99
C LEU A 144 8.25 -4.78 11.89
N TYR A 145 8.50 -3.79 11.02
CA TYR A 145 7.61 -2.65 10.89
C TYR A 145 7.92 -1.92 9.59
N SER A 146 6.95 -1.17 9.07
CA SER A 146 7.23 -0.27 7.94
C SER A 146 6.33 0.96 7.92
N LEU A 147 6.87 2.06 7.40
CA LEU A 147 6.09 3.27 7.23
C LEU A 147 6.16 3.74 5.77
N SER A 148 4.98 3.86 5.14
CA SER A 148 4.90 4.46 3.82
C SER A 148 4.76 5.97 3.88
N ALA A 149 5.53 6.67 3.05
CA ALA A 149 5.55 8.13 3.04
C ALA A 149 5.43 8.63 1.60
N SER A 150 5.00 9.88 1.45
N SER A 150 4.97 9.87 1.44
CA SER A 150 4.81 10.44 0.12
CA SER A 150 4.78 10.44 0.11
C SER A 150 4.84 11.96 0.11
C SER A 150 4.86 11.97 0.12
N ILE A 151 5.42 12.52 -0.95
CA ILE A 151 5.24 13.91 -1.26
C ILE A 151 3.73 14.16 -1.39
N ARG A 152 3.27 15.30 -0.88
CA ARG A 152 1.84 15.60 -0.89
C ARG A 152 1.41 16.06 -2.28
N PRO A 153 0.11 15.88 -2.60
CA PRO A 153 -0.36 15.98 -3.99
C PRO A 153 -0.48 17.41 -4.51
N GLY A 154 -0.38 17.56 -5.82
CA GLY A 154 -0.73 18.82 -6.47
C GLY A 154 0.10 19.97 -5.98
N ASN A 155 -0.56 21.05 -5.54
CA ASN A 155 0.14 22.26 -5.15
C ASN A 155 0.65 22.22 -3.71
N GLU A 156 0.38 21.12 -3.02
CA GLU A 156 0.91 20.93 -1.67
C GLU A 156 2.20 20.11 -1.69
N ALA A 157 2.60 19.65 -2.88
CA ALA A 157 3.88 18.98 -3.06
C ALA A 157 5.03 19.78 -2.45
N GLY A 158 5.82 19.10 -1.61
CA GLY A 158 6.87 19.77 -0.86
C GLY A 158 6.38 20.43 0.43
N HIS A 159 5.07 20.44 0.64
CA HIS A 159 4.53 20.94 1.91
C HIS A 159 4.33 19.78 2.87
N GLU A 160 4.54 20.05 4.15
CA GLU A 160 4.22 19.06 5.18
C GLU A 160 2.73 19.12 5.51
N MET A 161 2.28 18.24 6.38
CA MET A 161 0.84 18.01 6.52
C MET A 161 0.09 19.22 7.06
N PHE A 162 0.75 20.06 7.86
CA PHE A 162 0.11 21.28 8.34
C PHE A 162 -0.08 22.27 7.19
N GLY A 163 0.61 22.03 6.08
CA GLY A 163 0.43 22.84 4.88
C GLY A 163 1.56 23.82 4.58
N PHE A 164 2.67 23.69 5.29
CA PHE A 164 3.78 24.62 5.13
C PHE A 164 4.84 24.05 4.21
N LEU A 165 5.34 24.88 3.29
CA LEU A 165 6.45 24.48 2.45
C LEU A 165 7.67 24.10 3.28
N ASP A 166 8.26 22.96 2.94
CA ASP A 166 9.34 22.35 3.73
C ASP A 166 10.61 22.23 2.89
N GLY A 167 11.72 21.94 3.56
CA GLY A 167 12.99 21.68 2.87
C GLY A 167 13.67 22.91 2.30
N ILE A 168 13.28 24.08 2.81
CA ILE A 168 13.87 25.33 2.36
C ILE A 168 15.27 25.52 2.96
N ALA A 169 15.40 25.15 4.23
CA ALA A 169 16.56 25.52 5.02
C ALA A 169 17.39 24.29 5.38
N GLN A 170 18.64 24.28 4.94
CA GLN A 170 19.58 23.25 5.32
C GLN A 170 20.94 23.90 5.56
N PRO A 171 21.76 23.30 6.42
CA PRO A 171 23.15 23.75 6.47
C PRO A 171 23.82 23.58 5.11
N ALA A 172 24.62 24.57 4.72
CA ALA A 172 25.52 24.40 3.57
C ALA A 172 26.83 23.82 4.05
N ILE A 173 27.18 22.66 3.51
N ILE A 173 27.18 22.66 3.52
CA ILE A 173 28.45 22.04 3.78
CA ILE A 173 28.46 22.04 3.85
C ILE A 173 29.56 22.74 3.02
C ILE A 173 29.59 22.69 3.04
N ASN A 174 30.52 23.30 3.75
CA ASN A 174 31.64 24.00 3.14
C ASN A 174 32.43 23.07 2.21
N GLY A 175 32.62 23.51 0.97
CA GLY A 175 33.24 22.67 -0.04
C GLY A 175 32.28 21.81 -0.84
N PHE A 176 31.05 21.67 -0.35
CA PHE A 176 30.08 20.81 -1.03
C PHE A 176 28.92 21.62 -1.58
N ASN A 177 28.22 22.33 -0.70
CA ASN A 177 27.17 23.25 -1.12
C ASN A 177 27.74 24.63 -1.36
N THR A 178 27.39 25.24 -2.48
CA THR A 178 27.54 26.67 -2.66
C THR A 178 26.45 27.41 -1.88
N PRO A 179 26.85 28.13 -0.82
CA PRO A 179 25.86 28.67 0.10
C PRO A 179 24.88 29.61 -0.58
N LEU A 180 23.62 29.53 -0.20
CA LEU A 180 22.62 30.52 -0.56
C LEU A 180 22.58 31.68 0.43
N PRO A 181 21.98 32.81 0.04
CA PRO A 181 21.95 33.94 0.96
C PRO A 181 21.26 33.58 2.28
N GLY A 182 21.99 33.72 3.38
CA GLY A 182 21.42 33.55 4.72
C GLY A 182 21.67 32.17 5.28
N GLN A 183 22.02 31.23 4.40
CA GLN A 183 22.22 29.85 4.77
C GLN A 183 23.42 29.73 5.69
N ASN A 184 23.29 28.95 6.76
CA ASN A 184 24.44 28.62 7.60
C ASN A 184 25.48 27.80 6.84
N ILE A 185 26.75 28.00 7.17
CA ILE A 185 27.84 27.27 6.54
C ILE A 185 28.60 26.44 7.57
N VAL A 186 28.75 25.14 7.31
CA VAL A 186 29.31 24.25 8.31
C VAL A 186 30.40 23.35 7.74
N ASP A 187 31.29 22.90 8.62
CA ASP A 187 32.25 21.88 8.26
C ASP A 187 31.51 20.58 7.92
N ALA A 188 32.06 19.82 6.99
CA ALA A 188 31.43 18.57 6.60
C ALA A 188 31.30 17.61 7.78
N GLY A 189 32.21 17.73 8.75
CA GLY A 189 32.25 16.83 9.89
C GLY A 189 31.07 16.99 10.85
N VAL A 190 30.29 18.05 10.67
CA VAL A 190 29.06 18.21 11.41
C VAL A 190 27.98 17.19 11.00
N ILE A 191 28.11 16.68 9.77
CA ILE A 191 27.09 15.79 9.21
C ILE A 191 27.66 14.41 8.91
N ILE A 192 28.91 14.37 8.44
CA ILE A 192 29.52 13.15 7.93
C ILE A 192 30.58 12.66 8.92
N THR A 193 30.39 11.47 9.47
CA THR A 193 31.32 10.94 10.45
C THR A 193 32.72 10.84 9.84
N GLY A 194 33.69 11.42 10.53
CA GLY A 194 35.08 11.39 10.07
C GLY A 194 35.41 12.39 8.98
N ALA A 195 34.44 13.18 8.55
CA ALA A 195 34.72 14.26 7.60
C ALA A 195 35.34 15.46 8.30
N THR A 196 35.65 16.50 7.54
CA THR A 196 36.43 17.62 8.04
C THR A 196 35.91 18.15 9.38
N ASN A 197 36.79 18.15 10.38
N ASN A 197 36.78 18.16 10.38
CA ASN A 197 36.50 18.77 11.66
CA ASN A 197 36.48 18.78 11.67
C ASN A 197 35.50 17.99 12.51
C ASN A 197 35.51 17.99 12.53
N ASP A 198 35.34 16.71 12.21
CA ASP A 198 34.69 15.78 13.13
C ASP A 198 35.68 15.39 14.22
N PRO A 199 35.45 15.88 15.46
CA PRO A 199 36.44 15.69 16.51
C PRO A 199 36.45 14.27 17.07
N ILE A 200 35.45 13.48 16.73
CA ILE A 200 35.28 12.18 17.37
C ILE A 200 36.00 11.09 16.59
N THR A 201 36.74 10.23 17.29
CA THR A 201 37.37 9.08 16.64
C THR A 201 36.31 8.08 16.14
N ARG A 202 36.43 7.70 14.87
CA ARG A 202 35.54 6.73 14.27
C ARG A 202 36.34 5.51 13.82
N PRO A 203 35.70 4.33 13.75
CA PRO A 203 36.34 3.25 13.02
C PRO A 203 36.62 3.68 11.58
N SER A 204 37.73 3.23 11.01
CA SER A 204 38.10 3.63 9.66
C SER A 204 36.99 3.38 8.64
N TRP A 205 36.29 2.24 8.78
CA TRP A 205 35.25 1.87 7.81
C TRP A 205 34.01 2.74 7.88
N ALA A 206 33.93 3.56 8.92
CA ALA A 206 32.73 4.34 9.19
C ALA A 206 32.86 5.77 8.69
N VAL A 207 34.06 6.09 8.19
CA VAL A 207 34.31 7.43 7.65
C VAL A 207 33.51 7.64 6.37
N GLY A 208 32.65 8.65 6.38
CA GLY A 208 31.77 8.91 5.26
C GLY A 208 30.32 8.51 5.49
N GLY A 209 30.03 8.04 6.70
CA GLY A 209 28.64 7.72 7.09
C GLY A 209 27.97 8.88 7.81
N SER A 210 26.77 8.64 8.34
CA SER A 210 26.09 9.64 9.16
C SER A 210 25.13 8.97 10.12
N PHE A 211 24.78 9.66 11.20
CA PHE A 211 23.71 9.15 12.06
C PHE A 211 22.33 9.65 11.64
N LEU A 212 21.43 8.70 11.47
CA LEU A 212 20.09 8.94 11.01
C LEU A 212 19.18 8.88 12.23
N ALA A 213 18.62 10.03 12.60
CA ALA A 213 17.58 10.04 13.62
C ALA A 213 16.20 10.00 12.96
N PHE A 214 15.52 8.86 13.13
CA PHE A 214 14.17 8.68 12.61
C PHE A 214 13.13 8.92 13.70
N ARG A 215 12.06 9.63 13.33
CA ARG A 215 10.95 9.89 14.23
C ARG A 215 9.65 9.81 13.45
N GLN A 216 8.71 9.00 13.92
CA GLN A 216 7.36 9.01 13.36
C GLN A 216 6.48 9.98 14.14
N LEU A 217 6.25 11.15 13.57
CA LEU A 217 5.57 12.21 14.30
C LEU A 217 4.17 12.44 13.73
N GLU A 218 3.15 12.04 14.48
CA GLU A 218 1.79 12.22 14.01
C GLU A 218 1.39 13.67 14.11
N GLN A 219 0.72 14.19 13.09
CA GLN A 219 0.24 15.56 13.11
C GLN A 219 -1.28 15.61 13.20
N LEU A 220 -1.78 16.47 14.07
CA LEU A 220 -3.22 16.57 14.28
C LEU A 220 -3.75 17.80 13.54
N VAL A 221 -3.99 17.64 12.25
CA VAL A 221 -4.16 18.77 11.35
C VAL A 221 -5.46 19.51 11.61
N PRO A 222 -6.58 18.78 11.65
CA PRO A 222 -7.86 19.41 11.95
C PRO A 222 -7.81 20.14 13.28
N GLU A 223 -7.20 19.52 14.28
CA GLU A 223 -7.10 20.12 15.62
C GLU A 223 -6.28 21.42 15.53
N PHE A 224 -5.16 21.35 14.82
CA PHE A 224 -4.30 22.50 14.59
C PHE A 224 -5.11 23.63 13.95
N ASN A 225 -5.79 23.32 12.85
CA ASN A 225 -6.58 24.30 12.14
C ASN A 225 -7.61 24.95 13.06
N LYS A 226 -8.29 24.13 13.85
CA LYS A 226 -9.32 24.65 14.75
C LYS A 226 -8.72 25.55 15.82
N TYR A 227 -7.55 25.17 16.32
CA TYR A 227 -6.88 25.95 17.34
C TYR A 227 -6.53 27.35 16.82
N LEU A 228 -6.10 27.41 15.58
CA LEU A 228 -5.79 28.69 14.95
C LEU A 228 -7.02 29.59 14.85
N LEU A 229 -8.13 29.01 14.41
CA LEU A 229 -9.37 29.77 14.29
C LEU A 229 -9.83 30.30 15.63
N ASP A 230 -9.70 29.47 16.67
CA ASP A 230 -10.27 29.79 17.97
C ASP A 230 -9.38 30.76 18.74
N ASN A 231 -8.12 30.84 18.35
CA ASN A 231 -7.16 31.61 19.12
C ASN A 231 -6.55 32.77 18.33
N ALA A 232 -7.01 32.93 17.09
CA ALA A 232 -6.50 34.01 16.26
C ALA A 232 -6.72 35.34 16.97
N PRO A 233 -5.68 36.18 16.99
CA PRO A 233 -5.81 37.50 17.60
C PRO A 233 -6.94 38.29 16.95
N ALA A 234 -7.76 38.94 17.76
CA ALA A 234 -8.74 39.89 17.24
C ALA A 234 -8.06 40.88 16.29
N GLY A 235 -8.79 41.31 15.27
CA GLY A 235 -8.24 42.26 14.30
C GLY A 235 -9.20 42.55 13.16
N SER A 236 -8.86 43.54 12.35
CA SER A 236 -9.75 43.96 11.27
C SER A 236 -9.71 43.01 10.08
N GLY A 237 -8.64 42.23 9.96
CA GLY A 237 -8.53 41.24 8.90
C GLY A 237 -9.56 40.13 9.01
N SER A 238 -9.77 39.39 7.93
CA SER A 238 -10.72 38.28 7.97
C SER A 238 -10.27 37.24 8.98
N LEU A 239 -11.20 36.40 9.42
CA LEU A 239 -10.89 35.38 10.41
C LEU A 239 -9.82 34.40 9.88
N GLN A 240 -10.01 33.94 8.65
CA GLN A 240 -9.04 33.05 8.02
C GLN A 240 -7.65 33.69 8.01
N ALA A 241 -7.62 35.00 7.80
CA ALA A 241 -6.35 35.72 7.64
C ALA A 241 -5.62 35.82 8.97
N ARG A 242 -6.39 35.93 10.05
CA ARG A 242 -5.80 36.08 11.37
C ARG A 242 -5.40 34.74 11.93
N ALA A 243 -6.13 33.70 11.54
CA ALA A 243 -5.74 32.34 11.83
C ALA A 243 -4.42 32.02 11.16
N ASP A 244 -4.32 32.33 9.86
CA ASP A 244 -3.10 32.05 9.11
C ASP A 244 -1.90 32.76 9.71
N LEU A 245 -2.11 34.00 10.15
CA LEU A 245 -1.04 34.76 10.79
C LEU A 245 -0.52 34.04 12.03
N LEU A 246 -1.45 33.54 12.85
CA LEU A 246 -1.04 32.83 14.06
C LEU A 246 -0.24 31.58 13.70
N GLY A 247 -0.75 30.80 12.75
CA GLY A 247 -0.03 29.65 12.24
C GLY A 247 1.38 29.99 11.81
N ALA A 248 1.51 31.02 10.97
CA ALA A 248 2.82 31.44 10.47
C ALA A 248 3.74 31.91 11.60
N ARG A 249 3.16 32.51 12.63
CA ARG A 249 3.96 32.94 13.76
C ARG A 249 4.37 31.77 14.65
N MET A 250 3.64 30.67 14.56
CA MET A 250 4.06 29.44 15.21
C MET A 250 5.25 28.81 14.51
N VAL A 251 5.25 28.84 13.18
CA VAL A 251 6.26 28.16 12.39
C VAL A 251 7.49 29.03 12.17
N GLY A 252 7.27 30.32 11.95
CA GLY A 252 8.33 31.22 11.53
C GLY A 252 8.38 31.38 10.02
N ARG A 253 7.46 30.71 9.32
CA ARG A 253 7.25 30.94 7.89
C ARG A 253 5.75 30.93 7.60
N TRP A 254 5.35 31.63 6.54
CA TRP A 254 4.03 31.41 5.96
C TRP A 254 4.04 30.09 5.20
N LYS A 255 2.85 29.59 4.90
CA LYS A 255 2.73 28.30 4.20
C LYS A 255 3.43 28.31 2.86
N SER A 256 3.47 29.47 2.22
CA SER A 256 4.14 29.66 0.94
C SER A 256 5.65 29.51 1.09
N GLY A 257 6.13 29.49 2.34
CA GLY A 257 7.57 29.44 2.59
C GLY A 257 8.18 30.79 2.92
N ALA A 258 7.43 31.86 2.72
CA ALA A 258 7.88 33.19 3.12
C ALA A 258 8.19 33.25 4.61
N PRO A 259 9.43 33.65 4.95
CA PRO A 259 9.83 33.82 6.33
C PRO A 259 9.21 35.08 6.93
N ILE A 260 8.50 34.94 8.04
CA ILE A 260 7.79 36.07 8.63
C ILE A 260 8.76 37.14 9.11
N ASP A 261 9.97 36.72 9.43
CA ASP A 261 11.00 37.68 9.80
C ASP A 261 11.14 38.80 8.76
N LEU A 262 10.94 38.44 7.49
CA LEU A 262 11.08 39.39 6.39
C LEU A 262 9.73 39.95 5.94
N THR A 263 8.65 39.28 6.34
CA THR A 263 7.31 39.73 5.97
C THR A 263 6.30 39.41 7.07
N PRO A 264 6.29 40.24 8.13
CA PRO A 264 5.72 39.84 9.41
C PRO A 264 4.18 39.89 9.46
N THR A 265 3.56 40.63 8.54
CA THR A 265 2.12 40.86 8.59
C THR A 265 1.41 40.28 7.37
N ALA A 266 2.16 39.92 6.35
CA ALA A 266 1.56 39.47 5.10
C ALA A 266 2.32 38.26 4.53
N ASP A 267 1.59 37.34 3.89
CA ASP A 267 2.27 36.31 3.09
C ASP A 267 2.86 36.99 1.87
N ASP A 268 3.93 36.42 1.36
CA ASP A 268 4.52 36.87 0.09
C ASP A 268 4.98 35.65 -0.68
N PRO A 269 4.08 35.10 -1.52
CA PRO A 269 4.36 33.81 -2.15
C PRO A 269 5.51 33.88 -3.15
N ALA A 270 5.72 35.06 -3.72
CA ALA A 270 6.86 35.27 -4.61
C ALA A 270 8.16 35.09 -3.83
N LEU A 271 8.17 35.59 -2.60
CA LEU A 271 9.34 35.47 -1.72
C LEU A 271 9.55 34.02 -1.32
N GLY A 272 8.47 33.37 -0.89
CA GLY A 272 8.54 31.99 -0.43
C GLY A 272 9.21 31.03 -1.40
N ALA A 273 9.09 31.32 -2.69
CA ALA A 273 9.55 30.41 -3.74
C ALA A 273 10.97 30.72 -4.19
N ASP A 274 11.54 31.80 -3.66
CA ASP A 274 12.82 32.30 -4.15
C ASP A 274 13.94 31.95 -3.19
N ALA A 275 14.74 30.94 -3.55
CA ALA A 275 15.81 30.42 -2.69
C ALA A 275 16.87 31.47 -2.40
N GLN A 276 16.90 32.52 -3.23
CA GLN A 276 17.86 33.60 -3.07
C GLN A 276 17.45 34.59 -1.99
N ARG A 277 16.16 34.64 -1.67
CA ARG A 277 15.65 35.62 -0.73
C ARG A 277 15.08 34.97 0.52
N ASN A 278 14.56 33.76 0.38
CA ASN A 278 13.69 33.18 1.40
C ASN A 278 14.40 32.67 2.66
N ASN A 279 15.73 32.74 2.67
CA ASN A 279 16.50 32.38 3.86
C ASN A 279 17.42 33.51 4.30
N ASN A 280 17.27 34.65 3.65
CA ASN A 280 18.25 35.71 3.77
C ASN A 280 17.93 36.64 4.95
N PHE A 281 17.97 36.09 6.16
CA PHE A 281 17.66 36.87 7.37
C PHE A 281 18.38 36.33 8.60
N THR A 282 18.51 37.16 9.63
CA THR A 282 19.19 36.78 10.88
C THR A 282 18.29 36.85 12.12
N TYR A 283 17.11 37.47 11.96
CA TYR A 283 16.23 37.86 13.07
C TYR A 283 16.51 39.26 13.60
N SER A 284 17.66 39.82 13.23
CA SER A 284 18.01 41.18 13.60
C SER A 284 17.37 42.21 12.66
N HIS A 285 17.07 43.38 13.18
CA HIS A 285 16.43 44.46 12.43
C HIS A 285 16.81 45.79 13.06
N ALA A 286 17.23 46.73 12.24
CA ALA A 286 17.45 48.10 12.71
C ALA A 286 16.11 48.82 12.83
N GLY A 287 15.99 49.76 13.75
CA GLY A 287 16.56 49.64 15.09
C GLY A 287 15.53 49.02 16.02
N PHE A 288 15.52 47.70 16.08
CA PHE A 288 14.73 46.97 17.05
C PHE A 288 15.67 46.25 18.01
N ASP A 289 15.22 46.06 19.24
CA ASP A 289 16.01 45.41 20.27
C ASP A 289 15.90 43.89 20.14
N LEU A 290 16.97 43.24 19.71
CA LEU A 290 16.92 41.82 19.39
C LEU A 290 16.39 41.00 20.57
N GLY A 291 16.57 41.54 21.77
CA GLY A 291 16.31 40.80 23.00
C GLY A 291 14.86 40.83 23.43
N SER A 292 14.07 41.71 22.80
CA SER A 292 12.70 41.94 23.26
C SER A 292 11.70 42.02 22.11
N ASP A 293 12.19 42.29 20.90
CA ASP A 293 11.33 42.48 19.75
C ASP A 293 10.81 41.14 19.21
N GLN A 294 9.50 40.92 19.29
CA GLN A 294 8.90 39.72 18.72
C GLN A 294 7.84 40.08 17.68
N SER A 295 7.89 41.31 17.20
CA SER A 295 6.92 41.77 16.21
C SER A 295 7.20 41.17 14.84
N HIS A 296 8.47 40.90 14.55
CA HIS A 296 8.85 40.27 13.29
C HIS A 296 8.66 38.76 13.35
N CYS A 297 9.09 38.15 14.46
CA CYS A 297 9.06 36.69 14.61
C CYS A 297 9.19 36.34 16.08
N PRO A 298 8.21 35.60 16.62
CA PRO A 298 8.23 35.21 18.03
C PRO A 298 9.51 34.43 18.37
N PHE A 299 10.01 34.60 19.59
CA PHE A 299 11.21 33.86 20.01
C PHE A 299 10.94 32.36 20.03
N SER A 300 9.67 32.02 20.02
CA SER A 300 9.23 30.66 20.24
C SER A 300 8.93 29.94 18.93
N ALA A 301 8.96 30.67 17.82
CA ALA A 301 8.64 30.08 16.53
C ALA A 301 9.55 28.91 16.22
N HIS A 302 8.99 27.87 15.62
CA HIS A 302 9.71 26.63 15.35
C HIS A 302 11.10 26.84 14.76
N ILE A 303 11.19 27.45 13.58
CA ILE A 303 12.48 27.56 12.90
C ILE A 303 13.47 28.41 13.71
N ARG A 304 12.94 29.38 14.46
CA ARG A 304 13.76 30.22 15.32
C ARG A 304 14.28 29.44 16.53
N LYS A 305 13.46 28.50 17.00
CA LYS A 305 13.89 27.60 18.07
C LYS A 305 14.95 26.62 17.58
N THR A 306 14.86 26.22 16.31
CA THR A 306 15.71 25.16 15.79
C THR A 306 16.93 25.64 15.02
N ARG A 307 16.86 26.84 14.44
CA ARG A 307 18.07 27.57 14.08
C ARG A 307 18.04 29.00 14.61
N PRO A 308 18.65 29.22 15.78
CA PRO A 308 18.49 30.50 16.49
C PRO A 308 19.17 31.66 15.77
N ARG A 309 20.13 31.37 14.89
CA ARG A 309 20.85 32.43 14.17
C ARG A 309 21.35 33.50 15.14
N ALA A 310 21.05 34.76 14.87
CA ALA A 310 21.56 35.86 15.68
C ALA A 310 21.19 35.79 17.17
N ASP A 311 20.19 34.98 17.51
CA ASP A 311 19.87 34.73 18.93
C ASP A 311 21.03 34.14 19.71
N LEU A 312 21.94 33.49 18.99
CA LEU A 312 23.13 32.96 19.62
C LEU A 312 24.36 33.79 19.25
N GLY A 313 24.14 35.07 18.98
CA GLY A 313 25.22 35.98 18.64
C GLY A 313 25.68 35.83 17.21
N GLY A 314 26.87 36.36 16.92
CA GLY A 314 27.41 36.34 15.57
C GLY A 314 26.92 37.53 14.76
N SER A 315 26.96 37.40 13.44
CA SER A 315 26.65 38.51 12.55
C SER A 315 25.16 38.90 12.56
N LEU A 316 24.89 40.19 12.74
CA LEU A 316 23.52 40.70 12.66
C LEU A 316 23.02 40.77 11.21
N THR A 317 23.97 40.85 10.29
CA THR A 317 23.67 40.88 8.87
C THR A 317 23.97 39.50 8.28
N PRO A 318 23.20 39.10 7.27
CA PRO A 318 23.33 37.73 6.74
C PRO A 318 24.64 37.58 5.98
N PRO A 319 25.26 36.40 6.06
CA PRO A 319 24.63 35.25 6.70
C PRO A 319 25.10 35.14 8.13
N ASN A 320 24.19 34.79 9.03
CA ASN A 320 24.58 34.40 10.38
C ASN A 320 25.12 32.98 10.41
N LEU A 321 26.18 32.77 11.18
CA LEU A 321 26.87 31.49 11.20
C LEU A 321 26.93 30.87 12.60
N SER A 322 26.05 31.30 13.50
CA SER A 322 26.05 30.76 14.85
C SER A 322 25.69 29.28 14.87
N ALA A 323 26.24 28.57 15.86
CA ALA A 323 25.69 27.29 16.25
C ALA A 323 25.77 26.31 15.09
N GLY A 324 26.83 26.43 14.30
CA GLY A 324 27.03 25.56 13.14
C GLY A 324 27.02 24.10 13.53
N ALA A 325 27.62 23.80 14.68
CA ALA A 325 27.78 22.41 15.11
C ALA A 325 26.45 21.76 15.49
N ASN A 326 25.43 22.59 15.72
CA ASN A 326 24.09 22.08 16.02
C ASN A 326 23.18 22.00 14.79
N SER A 327 23.79 21.81 13.62
CA SER A 327 23.03 21.71 12.37
C SER A 327 22.62 20.27 12.07
N ILE A 328 21.44 20.12 11.46
CA ILE A 328 21.00 18.83 10.95
C ILE A 328 20.63 18.96 9.48
N MET A 329 20.95 17.93 8.71
CA MET A 329 20.41 17.74 7.36
C MET A 329 19.08 17.01 7.45
N ARG A 330 18.06 17.55 6.79
CA ARG A 330 16.70 17.06 6.97
C ARG A 330 16.19 16.37 5.72
N SER A 331 15.78 15.10 5.88
CA SER A 331 15.22 14.34 4.78
C SER A 331 13.82 13.83 5.09
N GLY A 332 13.05 14.61 5.84
CA GLY A 332 11.72 14.20 6.26
C GLY A 332 10.69 14.24 5.14
N ILE A 333 9.70 13.37 5.24
CA ILE A 333 8.65 13.28 4.22
C ILE A 333 7.31 12.97 4.85
N PRO A 334 6.22 13.58 4.34
CA PRO A 334 4.94 13.36 5.01
C PRO A 334 4.46 11.92 4.84
N TYR A 335 3.62 11.47 5.76
CA TYR A 335 3.01 10.15 5.65
C TYR A 335 1.50 10.21 5.95
N GLY A 336 0.76 9.21 5.49
CA GLY A 336 -0.66 9.14 5.80
C GLY A 336 -1.51 9.80 4.74
N PRO A 337 -2.83 9.61 4.83
CA PRO A 337 -3.73 10.18 3.84
C PRO A 337 -3.90 11.67 4.06
N GLU A 338 -4.44 12.37 3.06
CA GLU A 338 -4.83 13.76 3.22
C GLU A 338 -6.01 13.84 4.19
N VAL A 339 -6.16 15.00 4.83
CA VAL A 339 -7.31 15.25 5.70
C VAL A 339 -8.63 14.95 4.98
N THR A 340 -9.50 14.17 5.61
CA THR A 340 -10.79 13.85 4.99
C THR A 340 -11.88 14.84 5.36
N SER A 341 -12.99 14.82 4.63
CA SER A 341 -14.11 15.72 4.91
C SER A 341 -14.71 15.49 6.29
N ALA A 342 -14.84 14.22 6.68
CA ALA A 342 -15.34 13.88 8.01
C ALA A 342 -14.47 14.46 9.12
N GLU A 343 -13.16 14.28 9.02
CA GLU A 343 -12.24 14.82 10.02
C GLU A 343 -12.27 16.33 10.03
N SER A 344 -12.31 16.93 8.84
CA SER A 344 -12.31 18.37 8.73
C SER A 344 -13.59 18.94 9.33
N ALA A 345 -14.73 18.37 8.93
CA ALA A 345 -16.04 18.78 9.47
C ALA A 345 -16.07 18.69 10.98
N SER A 346 -15.44 17.66 11.55
CA SER A 346 -15.52 17.39 12.98
C SER A 346 -14.40 18.05 13.78
N ASN A 347 -13.37 18.54 13.09
CA ASN A 347 -12.20 19.09 13.75
C ASN A 347 -11.41 18.03 14.52
N THR A 348 -11.47 16.79 14.06
CA THR A 348 -10.95 15.67 14.84
C THR A 348 -10.25 14.64 13.96
N THR A 349 -9.02 14.32 14.31
CA THR A 349 -8.26 13.30 13.60
C THR A 349 -8.76 11.91 13.94
N THR A 350 -8.95 11.08 12.92
CA THR A 350 -9.16 9.64 13.10
C THR A 350 -8.18 8.82 12.29
N GLN A 351 -7.60 9.42 11.25
CA GLN A 351 -6.62 8.73 10.41
C GLN A 351 -5.23 9.28 10.70
N GLU A 352 -4.28 8.39 11.00
CA GLU A 352 -2.94 8.85 11.34
C GLU A 352 -2.21 9.43 10.15
N ARG A 353 -1.82 10.69 10.26
CA ARG A 353 -0.97 11.31 9.26
C ARG A 353 0.11 12.07 10.00
N GLY A 354 1.17 12.44 9.30
CA GLY A 354 2.18 13.31 9.90
C GLY A 354 3.46 13.42 9.11
N LEU A 355 4.59 13.41 9.81
CA LEU A 355 5.90 13.57 9.19
C LEU A 355 6.76 12.36 9.52
N ALA A 356 7.23 11.65 8.50
CA ALA A 356 8.29 10.68 8.71
C ALA A 356 9.64 11.39 8.84
N PHE A 357 9.99 11.75 10.07
CA PHE A 357 11.08 12.71 10.29
C PHE A 357 12.42 12.00 10.21
N VAL A 358 13.29 12.48 9.32
CA VAL A 358 14.64 11.98 9.18
C VAL A 358 15.63 13.15 9.33
N ALA A 359 16.47 13.07 10.35
CA ALA A 359 17.58 14.02 10.50
C ALA A 359 18.91 13.29 10.44
N TYR A 360 19.86 13.88 9.72
CA TYR A 360 21.21 13.33 9.64
C TYR A 360 22.21 14.22 10.37
N GLN A 361 23.13 13.59 11.11
CA GLN A 361 24.16 14.32 11.84
C GLN A 361 25.30 13.37 12.23
N ALA A 362 26.48 13.93 12.45
CA ALA A 362 27.64 13.13 12.85
C ALA A 362 27.65 12.93 14.37
N GLN A 363 27.02 13.86 15.09
CA GLN A 363 26.83 13.68 16.52
C GLN A 363 25.36 13.85 16.91
N LEU A 364 24.73 12.76 17.34
CA LEU A 364 23.34 12.82 17.76
C LEU A 364 23.13 13.85 18.88
N SER A 365 24.15 14.02 19.71
CA SER A 365 24.03 14.86 20.90
C SER A 365 24.08 16.34 20.52
N GLN A 366 24.60 16.61 19.33
CA GLN A 366 24.71 17.98 18.85
C GLN A 366 23.57 18.34 17.90
N GLY A 367 22.99 17.33 17.28
CA GLY A 367 21.94 17.52 16.29
C GLY A 367 20.53 17.40 16.86
N PHE A 368 19.76 16.44 16.35
CA PHE A 368 18.36 16.28 16.73
C PHE A 368 18.10 16.32 18.24
N HIS A 369 18.84 15.49 18.99
CA HIS A 369 18.64 15.36 20.42
C HIS A 369 18.82 16.71 21.10
N PHE A 370 19.81 17.46 20.62
CA PHE A 370 20.15 18.76 21.18
C PHE A 370 19.04 19.76 20.88
N LEU A 371 18.62 19.78 19.62
CA LEU A 371 17.56 20.69 19.20
C LEU A 371 16.24 20.43 19.94
N GLN A 372 15.95 19.16 20.20
CA GLN A 372 14.68 18.82 20.85
C GLN A 372 14.68 19.22 22.32
N GLN A 373 15.74 18.85 23.03
CA GLN A 373 15.77 19.03 24.48
C GLN A 373 16.25 20.42 24.93
N THR A 374 17.38 20.87 24.39
CA THR A 374 18.03 22.06 24.92
C THR A 374 17.35 23.32 24.40
N TRP A 375 16.80 23.25 23.19
CA TRP A 375 16.24 24.43 22.55
C TRP A 375 14.72 24.42 22.52
N ALA A 376 14.15 23.42 21.84
CA ALA A 376 12.71 23.40 21.58
C ALA A 376 11.90 23.19 22.85
N ASP A 377 12.38 22.31 23.73
CA ASP A 377 11.62 21.93 24.92
C ASP A 377 11.93 22.86 26.09
N ASN A 378 12.77 23.86 25.86
CA ASN A 378 13.27 24.71 26.93
C ASN A 378 12.59 26.08 26.98
N ALA A 379 11.80 26.32 28.02
CA ALA A 379 11.02 27.55 28.11
C ALA A 379 11.87 28.81 28.27
N ASN A 380 13.17 28.64 28.46
CA ASN A 380 14.07 29.77 28.64
C ASN A 380 15.05 29.94 27.49
N PHE A 381 14.84 29.16 26.42
CA PHE A 381 15.62 29.33 25.19
C PHE A 381 14.77 29.93 24.08
N PRO A 382 15.31 30.92 23.36
CA PRO A 382 16.71 31.32 23.48
C PRO A 382 16.96 32.19 24.70
N PRO A 383 18.24 32.38 25.06
CA PRO A 383 18.62 33.12 26.26
C PRO A 383 18.62 34.63 26.06
N GLY A 384 18.59 35.37 27.17
CA GLY A 384 18.77 36.81 27.13
C GLY A 384 17.58 37.57 26.58
N LYS A 385 16.44 36.90 26.55
CA LYS A 385 15.21 37.52 26.06
C LYS A 385 14.43 38.19 27.17
N THR A 386 13.66 39.21 26.79
CA THR A 386 12.66 39.81 27.68
C THR A 386 11.29 39.76 26.99
N PRO A 387 10.30 39.15 27.62
CA PRO A 387 10.49 38.45 28.90
C PRO A 387 11.34 37.20 28.78
N ALA A 388 11.85 36.73 29.91
CA ALA A 388 12.78 35.60 29.93
C ALA A 388 12.12 34.30 29.46
N THR A 389 10.86 34.10 29.81
CA THR A 389 10.17 32.89 29.41
C THR A 389 9.69 32.97 27.96
N VAL A 390 10.47 32.33 27.09
CA VAL A 390 10.11 32.22 25.69
C VAL A 390 8.96 31.26 25.51
N GLY A 391 8.91 30.25 26.37
CA GLY A 391 7.97 29.15 26.21
C GLY A 391 8.53 28.07 25.31
N LEU A 392 7.68 27.13 24.94
CA LEU A 392 8.11 26.00 24.13
C LEU A 392 7.87 26.25 22.64
N ASP A 393 8.63 25.55 21.82
CA ASP A 393 8.29 25.37 20.41
C ASP A 393 6.85 24.89 20.30
N PRO A 394 5.98 25.70 19.67
CA PRO A 394 4.57 25.31 19.50
C PRO A 394 4.41 24.09 18.60
N ILE A 395 5.37 23.86 17.71
CA ILE A 395 5.26 22.75 16.78
C ILE A 395 5.68 21.42 17.41
N ILE A 396 6.86 21.39 18.03
CA ILE A 396 7.46 20.12 18.46
C ILE A 396 7.81 20.10 19.94
N GLY A 397 7.59 21.23 20.63
CA GLY A 397 7.93 21.32 22.04
C GLY A 397 7.09 20.37 22.87
N GLN A 398 7.71 19.71 23.84
CA GLN A 398 7.01 18.68 24.61
C GLN A 398 7.13 18.88 26.12
N ASN A 399 6.02 18.58 26.80
CA ASN A 399 5.91 18.83 28.23
C ASN A 399 5.16 17.69 28.90
N ASN A 400 5.65 16.46 28.66
CA ASN A 400 5.04 15.26 29.22
C ASN A 400 3.54 15.17 28.98
N GLY A 401 3.11 15.50 27.77
CA GLY A 401 1.71 15.35 27.41
C GLY A 401 0.85 16.53 27.82
N GLN A 402 1.40 17.42 28.65
CA GLN A 402 0.68 18.61 29.08
C GLN A 402 0.66 19.65 27.96
N PRO A 403 -0.37 20.51 27.95
CA PRO A 403 -0.33 21.71 27.12
C PRO A 403 1.00 22.43 27.30
N ARG A 404 1.52 22.98 26.20
CA ARG A 404 2.77 23.72 26.25
C ARG A 404 2.44 25.20 26.50
N VAL A 405 3.21 25.84 27.38
CA VAL A 405 3.15 27.29 27.50
C VAL A 405 4.03 27.93 26.43
N VAL A 406 3.43 28.75 25.59
CA VAL A 406 4.15 29.40 24.50
C VAL A 406 3.88 30.90 24.53
N ASN A 407 4.93 31.70 24.65
CA ASN A 407 4.79 33.15 24.66
C ASN A 407 5.23 33.81 23.36
N GLY A 408 4.85 35.07 23.18
CA GLY A 408 5.33 35.88 22.06
C GLY A 408 4.52 35.77 20.78
N LEU A 409 3.59 34.81 20.72
CA LEU A 409 2.91 34.50 19.46
C LEU A 409 1.94 35.61 19.04
N LEU A 410 1.45 36.36 20.00
CA LEU A 410 0.48 37.42 19.72
C LEU A 410 1.18 38.77 19.55
N PRO A 411 1.14 39.33 18.33
CA PRO A 411 1.88 40.54 17.99
C PRO A 411 1.62 41.69 18.95
N SER A 412 0.44 41.71 19.55
CA SER A 412 -0.02 42.89 20.28
C SER A 412 0.50 42.92 21.72
N ASN A 413 1.07 41.80 22.16
CA ASN A 413 1.45 41.65 23.56
C ASN A 413 2.40 40.47 23.70
N SER A 414 3.69 40.76 23.73
CA SER A 414 4.70 39.72 23.64
C SER A 414 4.77 38.89 24.93
N SER A 415 4.18 39.42 26.00
CA SER A 415 4.07 38.74 27.29
C SER A 415 2.87 37.81 27.36
N ALA A 416 2.00 37.84 26.37
CA ALA A 416 0.78 37.04 26.41
C ALA A 416 1.02 35.57 26.09
N SER A 417 0.63 34.71 27.03
CA SER A 417 0.84 33.27 26.93
C SER A 417 -0.34 32.59 26.26
N LEU A 418 -0.07 31.53 25.50
CA LEU A 418 -1.09 30.57 25.12
C LEU A 418 -0.74 29.21 25.70
N SER A 419 -1.75 28.50 26.19
CA SER A 419 -1.58 27.13 26.61
C SER A 419 -2.00 26.20 25.45
N ILE A 420 -1.03 25.52 24.85
CA ILE A 420 -1.27 24.85 23.59
C ILE A 420 -1.15 23.34 23.70
N PRO A 421 -2.24 22.62 23.41
CA PRO A 421 -2.13 21.17 23.30
C PRO A 421 -1.07 20.81 22.28
N GLN A 422 -0.46 19.64 22.42
CA GLN A 422 0.39 19.09 21.37
C GLN A 422 -0.39 19.03 20.06
N PHE A 423 0.21 19.51 18.97
CA PHE A 423 -0.33 19.23 17.64
C PHE A 423 0.44 18.08 17.01
N VAL A 424 1.62 17.81 17.55
CA VAL A 424 2.44 16.70 17.08
C VAL A 424 2.60 15.69 18.19
N VAL A 425 2.46 14.42 17.84
CA VAL A 425 2.55 13.34 18.81
C VAL A 425 3.62 12.36 18.35
N SER A 426 4.64 12.18 19.17
CA SER A 426 5.72 11.28 18.82
C SER A 426 5.25 9.84 18.97
N HIS A 427 5.39 9.06 17.92
CA HIS A 427 5.24 7.62 18.04
C HIS A 427 6.60 6.97 17.97
N GLY A 428 7.60 7.76 18.33
CA GLY A 428 8.93 7.25 18.60
C GLY A 428 9.66 6.99 17.30
N GLY A 429 10.67 6.13 17.37
CA GLY A 429 11.64 5.97 16.29
C GLY A 429 12.89 5.29 16.78
N GLU A 430 14.00 5.54 16.11
CA GLU A 430 15.25 4.87 16.44
C GLU A 430 16.42 5.64 15.86
N TYR A 431 17.59 5.42 16.46
CA TYR A 431 18.83 5.99 15.97
C TYR A 431 19.57 4.94 15.17
N PHE A 432 19.89 5.25 13.91
CA PHE A 432 20.62 4.33 13.05
C PHE A 432 21.94 4.98 12.60
N PHE A 433 22.85 4.15 12.10
CA PHE A 433 24.03 4.65 11.39
C PHE A 433 23.97 4.28 9.91
N SER A 434 23.98 5.30 9.05
CA SER A 434 24.13 5.08 7.62
C SER A 434 25.59 5.05 7.24
N PRO A 435 26.09 3.85 6.91
CA PRO A 435 27.51 3.69 6.61
C PRO A 435 27.85 4.25 5.23
N PRO A 436 29.14 4.53 5.00
CA PRO A 436 29.61 4.70 3.62
C PRO A 436 29.28 3.44 2.83
N ILE A 437 29.09 3.60 1.52
CA ILE A 437 28.68 2.49 0.68
C ILE A 437 29.74 1.40 0.68
N SER A 438 31.00 1.82 0.65
CA SER A 438 32.14 0.90 0.70
C SER A 438 32.07 -0.05 1.89
N ALA A 439 31.50 0.44 2.99
CA ALA A 439 31.38 -0.37 4.19
C ALA A 439 30.35 -1.47 4.05
N ILE A 440 29.42 -1.31 3.11
CA ILE A 440 28.25 -2.18 3.07
C ILE A 440 28.62 -3.54 2.49
N GLY A 441 29.40 -3.54 1.41
CA GLY A 441 29.98 -4.76 0.89
C GLY A 441 31.39 -4.98 1.40
N GLY A 442 31.88 -4.04 2.19
CA GLY A 442 33.16 -4.21 2.90
C GLY A 442 32.93 -4.76 4.30
N ARG A 443 33.20 -3.93 5.30
CA ARG A 443 33.26 -4.40 6.70
C ARG A 443 31.97 -5.08 7.15
N LEU A 444 30.83 -4.52 6.79
CA LEU A 444 29.56 -5.03 7.31
C LEU A 444 29.20 -6.40 6.72
N SER A 445 29.82 -6.74 5.60
CA SER A 445 29.60 -8.04 4.97
C SER A 445 30.68 -9.04 5.36
N ALA A 446 31.72 -8.55 6.03
CA ALA A 446 32.87 -9.40 6.35
C ALA A 446 32.63 -10.22 7.61
N SER B 1 -35.55 -5.68 -20.09
CA SER B 1 -35.69 -4.66 -19.01
C SER B 1 -35.02 -5.09 -17.72
N LEU B 2 -33.72 -5.34 -17.79
CA LEU B 2 -32.87 -5.37 -16.61
C LEU B 2 -32.63 -3.94 -16.17
N ASN B 3 -33.00 -3.62 -14.93
CA ASN B 3 -32.75 -2.28 -14.40
C ASN B 3 -31.30 -2.10 -13.99
N THR B 4 -30.46 -1.78 -14.97
CA THR B 4 -29.02 -1.77 -14.76
C THR B 4 -28.60 -0.57 -13.92
N ASP B 5 -29.48 0.42 -13.81
CA ASP B 5 -29.22 1.55 -12.92
C ASP B 5 -29.11 1.07 -11.48
N ASP B 6 -29.72 -0.07 -11.19
CA ASP B 6 -29.87 -0.51 -9.81
C ASP B 6 -28.95 -1.67 -9.45
N ILE B 7 -28.21 -2.16 -10.43
CA ILE B 7 -27.37 -3.32 -10.21
C ILE B 7 -25.92 -2.88 -10.05
N GLN B 8 -25.28 -3.27 -8.96
CA GLN B 8 -23.90 -2.87 -8.69
C GLN B 8 -22.96 -3.31 -9.81
N GLY B 9 -22.05 -2.43 -10.20
CA GLY B 9 -21.24 -2.63 -11.41
C GLY B 9 -20.50 -3.95 -11.52
N ASP B 10 -19.86 -4.36 -10.44
CA ASP B 10 -18.93 -5.49 -10.50
C ASP B 10 -19.65 -6.76 -10.93
N ILE B 11 -20.95 -6.83 -10.62
CA ILE B 11 -21.71 -8.05 -10.88
C ILE B 11 -21.69 -8.42 -12.36
N LEU B 12 -21.92 -7.43 -13.22
CA LEU B 12 -22.20 -7.69 -14.63
C LEU B 12 -21.10 -7.22 -15.58
N VAL B 13 -20.34 -6.21 -15.19
CA VAL B 13 -19.38 -5.59 -16.11
C VAL B 13 -17.94 -5.60 -15.61
N GLY B 14 -17.74 -5.92 -14.33
CA GLY B 14 -16.45 -5.68 -13.69
C GLY B 14 -16.28 -4.21 -13.32
N MET B 15 -15.20 -3.91 -12.61
CA MET B 15 -14.93 -2.56 -12.12
C MET B 15 -14.15 -1.70 -13.13
N HIS B 16 -13.55 -2.35 -14.12
CA HIS B 16 -12.81 -1.66 -15.19
C HIS B 16 -11.73 -0.73 -14.65
N LYS B 17 -11.06 -1.14 -13.58
CA LYS B 17 -9.96 -0.38 -13.03
C LYS B 17 -8.70 -1.22 -12.90
N GLN B 18 -7.57 -0.54 -12.77
CA GLN B 18 -6.27 -1.18 -12.71
C GLN B 18 -6.06 -1.82 -11.35
N LYS B 19 -6.52 -1.13 -10.30
CA LYS B 19 -6.30 -1.60 -8.93
C LYS B 19 -7.64 -1.86 -8.25
N GLN B 20 -7.65 -2.82 -7.32
CA GLN B 20 -8.80 -3.02 -6.46
C GLN B 20 -8.40 -3.28 -5.01
N LEU B 21 -9.29 -2.95 -4.09
CA LEU B 21 -9.12 -3.34 -2.70
C LEU B 21 -10.36 -4.07 -2.20
N PHE B 22 -10.15 -5.15 -1.47
CA PHE B 22 -11.24 -5.83 -0.78
C PHE B 22 -11.16 -5.59 0.71
N TYR B 23 -12.13 -4.84 1.23
CA TYR B 23 -12.06 -4.30 2.58
C TYR B 23 -13.13 -4.98 3.44
N PHE B 24 -12.71 -5.93 4.27
CA PHE B 24 -13.64 -6.77 5.00
C PHE B 24 -13.84 -6.19 6.40
N PHE B 25 -15.07 -5.85 6.73
CA PHE B 25 -15.37 -5.09 7.94
C PHE B 25 -16.34 -5.78 8.88
N ALA B 26 -16.37 -5.32 10.11
CA ALA B 26 -17.44 -5.67 11.04
C ALA B 26 -18.28 -4.43 11.32
N ILE B 27 -19.53 -4.64 11.71
CA ILE B 27 -20.39 -3.55 12.13
C ILE B 27 -20.48 -3.53 13.65
N ASN B 28 -20.17 -2.39 14.25
CA ASN B 28 -20.11 -2.25 15.71
C ASN B 28 -21.32 -1.47 16.22
N ASP B 29 -21.83 -0.58 15.39
CA ASP B 29 -22.93 0.31 15.79
C ASP B 29 -23.93 0.42 14.65
N PRO B 30 -24.95 -0.46 14.65
CA PRO B 30 -25.93 -0.55 13.56
C PRO B 30 -26.58 0.79 13.24
N ALA B 31 -27.08 1.47 14.26
CA ALA B 31 -27.77 2.75 14.06
C ALA B 31 -26.88 3.77 13.37
N THR B 32 -25.65 3.92 13.86
CA THR B 32 -24.69 4.83 13.24
C THR B 32 -24.30 4.34 11.85
N PHE B 33 -24.03 3.04 11.74
CA PHE B 33 -23.66 2.46 10.46
C PHE B 33 -24.71 2.76 9.39
N LYS B 34 -25.98 2.59 9.74
CA LYS B 34 -27.06 2.81 8.79
C LYS B 34 -27.12 4.25 8.27
N THR B 35 -26.92 5.21 9.17
CA THR B 35 -26.92 6.61 8.75
C THR B 35 -25.91 6.86 7.65
N HIS B 36 -24.68 6.40 7.87
CA HIS B 36 -23.62 6.63 6.92
C HIS B 36 -23.77 5.74 5.70
N LEU B 37 -24.34 4.54 5.89
CA LEU B 37 -24.59 3.66 4.76
C LEU B 37 -25.49 4.34 3.74
N ALA B 38 -26.52 5.01 4.25
CA ALA B 38 -27.52 5.63 3.38
C ALA B 38 -27.07 7.00 2.89
N SER B 39 -26.40 7.76 3.75
CA SER B 39 -26.05 9.15 3.42
C SER B 39 -24.78 9.24 2.58
N ASP B 40 -23.84 8.32 2.83
CA ASP B 40 -22.49 8.48 2.34
C ASP B 40 -22.07 7.41 1.34
N ILE B 41 -22.50 6.18 1.57
CA ILE B 41 -22.17 5.10 0.65
C ILE B 41 -23.16 5.03 -0.50
N ALA B 42 -24.44 4.92 -0.18
CA ALA B 42 -25.47 4.66 -1.18
C ALA B 42 -25.26 5.49 -2.44
N PRO B 43 -25.01 6.80 -2.29
CA PRO B 43 -24.96 7.70 -3.45
C PRO B 43 -23.73 7.50 -4.34
N VAL B 44 -22.71 6.81 -3.85
CA VAL B 44 -21.47 6.64 -4.61
C VAL B 44 -21.23 5.19 -5.03
N VAL B 45 -22.21 4.32 -4.77
CA VAL B 45 -22.11 2.97 -5.27
C VAL B 45 -22.31 2.98 -6.77
N ALA B 46 -21.32 2.46 -7.50
CA ALA B 46 -21.32 2.52 -8.95
C ALA B 46 -22.18 1.41 -9.54
N SER B 47 -23.05 1.78 -10.47
CA SER B 47 -23.98 0.84 -11.08
C SER B 47 -23.42 0.24 -12.37
N VAL B 48 -24.13 -0.73 -12.93
CA VAL B 48 -23.77 -1.25 -14.25
C VAL B 48 -23.79 -0.14 -15.31
N THR B 49 -24.87 0.63 -15.33
CA THR B 49 -24.97 1.78 -16.24
C THR B 49 -23.75 2.68 -16.09
N GLN B 50 -23.48 3.14 -14.88
N GLN B 50 -23.46 3.10 -14.87
CA GLN B 50 -22.38 4.07 -14.64
CA GLN B 50 -22.39 4.05 -14.59
C GLN B 50 -21.06 3.52 -15.19
C GLN B 50 -21.04 3.55 -15.08
N LEU B 51 -20.76 2.27 -14.84
CA LEU B 51 -19.46 1.69 -15.18
C LEU B 51 -19.37 1.36 -16.68
N SER B 52 -20.53 1.21 -17.32
CA SER B 52 -20.57 0.85 -18.73
C SER B 52 -20.32 2.04 -19.63
N ASN B 53 -20.20 3.23 -19.02
CA ASN B 53 -19.79 4.42 -19.77
C ASN B 53 -18.52 5.04 -19.20
N VAL B 54 -17.45 4.99 -19.99
CA VAL B 54 -16.17 5.54 -19.59
C VAL B 54 -16.32 6.98 -19.10
N ALA B 55 -17.43 7.61 -19.46
CA ALA B 55 -17.69 8.99 -19.06
C ALA B 55 -18.16 9.08 -17.61
N THR B 56 -18.94 8.09 -17.17
CA THR B 56 -19.53 8.13 -15.83
C THR B 56 -18.73 7.27 -14.85
N GLN B 57 -17.55 6.82 -15.29
CA GLN B 57 -16.66 6.05 -14.44
C GLN B 57 -15.95 6.97 -13.45
N PRO B 58 -16.16 6.71 -12.15
CA PRO B 58 -15.66 7.56 -11.08
C PRO B 58 -14.17 7.35 -10.84
N LEU B 59 -13.53 8.29 -10.16
CA LEU B 59 -12.12 8.14 -9.80
C LEU B 59 -11.91 6.85 -9.01
N VAL B 60 -12.78 6.63 -8.04
CA VAL B 60 -12.79 5.39 -7.27
C VAL B 60 -14.18 4.77 -7.36
N ALA B 61 -14.26 3.60 -7.99
CA ALA B 61 -15.52 2.87 -8.10
C ALA B 61 -15.75 2.04 -6.84
N LEU B 62 -16.98 2.04 -6.36
CA LEU B 62 -17.28 1.47 -5.05
C LEU B 62 -18.46 0.50 -5.13
N ASN B 63 -18.22 -0.74 -4.73
CA ASN B 63 -19.30 -1.68 -4.49
C ASN B 63 -19.25 -2.15 -3.04
N ILE B 64 -20.37 -2.68 -2.55
CA ILE B 64 -20.46 -3.15 -1.17
C ILE B 64 -21.38 -4.34 -1.10
N ALA B 65 -21.02 -5.31 -0.26
CA ALA B 65 -21.78 -6.54 -0.13
C ALA B 65 -21.73 -7.00 1.31
N PHE B 66 -22.79 -7.67 1.76
CA PHE B 66 -22.90 -8.07 3.15
C PHE B 66 -22.93 -9.58 3.34
N SER B 67 -22.32 -10.05 4.42
CA SER B 67 -22.43 -11.44 4.80
C SER B 67 -23.75 -11.65 5.52
N ASN B 68 -24.13 -12.91 5.70
CA ASN B 68 -25.32 -13.24 6.47
C ASN B 68 -25.32 -12.57 7.85
N THR B 69 -24.19 -12.64 8.56
CA THR B 69 -24.09 -12.00 9.87
C THR B 69 -24.14 -10.47 9.78
N GLY B 70 -23.68 -9.92 8.66
CA GLY B 70 -23.81 -8.49 8.42
C GLY B 70 -25.25 -8.04 8.31
N LEU B 71 -26.04 -8.84 7.62
CA LEU B 71 -27.47 -8.57 7.46
C LEU B 71 -28.20 -8.69 8.80
N LEU B 72 -27.88 -9.73 9.57
CA LEU B 72 -28.42 -9.88 10.92
C LEU B 72 -28.07 -8.70 11.84
N ALA B 73 -26.86 -8.16 11.70
CA ALA B 73 -26.42 -7.06 12.54
C ALA B 73 -27.19 -5.78 12.20
N LEU B 74 -27.66 -5.69 10.96
CA LEU B 74 -28.46 -4.55 10.53
C LEU B 74 -29.95 -4.78 10.78
N GLY B 75 -30.26 -5.85 11.49
CA GLY B 75 -31.65 -6.20 11.79
C GLY B 75 -32.41 -6.68 10.56
N VAL B 76 -31.70 -7.23 9.60
CA VAL B 76 -32.36 -7.76 8.41
C VAL B 76 -32.48 -9.28 8.48
N THR B 77 -33.65 -9.75 8.89
CA THR B 77 -33.85 -11.17 9.15
C THR B 77 -34.62 -11.89 8.05
N ASP B 78 -34.85 -11.22 6.92
CA ASP B 78 -35.55 -11.83 5.80
C ASP B 78 -34.76 -13.03 5.29
N ASN B 79 -35.47 -14.02 4.76
CA ASN B 79 -34.79 -15.13 4.10
C ASN B 79 -34.46 -14.78 2.65
N LEU B 80 -33.16 -14.67 2.34
CA LEU B 80 -32.74 -14.40 0.97
C LEU B 80 -32.83 -15.62 0.06
N GLY B 81 -33.05 -16.79 0.66
CA GLY B 81 -33.43 -17.98 -0.10
C GLY B 81 -32.21 -18.81 -0.49
N ASP B 82 -31.10 -18.55 0.18
CA ASP B 82 -29.85 -19.23 -0.14
C ASP B 82 -29.20 -19.73 1.15
N SER B 83 -29.23 -21.04 1.35
CA SER B 83 -28.83 -21.61 2.62
C SER B 83 -27.32 -21.63 2.79
N LEU B 84 -26.60 -21.71 1.67
CA LEU B 84 -25.14 -21.62 1.69
C LEU B 84 -24.68 -20.21 2.08
N PHE B 85 -25.24 -19.20 1.45
CA PHE B 85 -25.01 -17.82 1.90
C PHE B 85 -25.24 -17.73 3.42
N ALA B 86 -26.40 -18.22 3.84
CA ALA B 86 -26.84 -18.06 5.23
C ALA B 86 -25.82 -18.67 6.20
N ASN B 87 -25.26 -19.82 5.84
CA ASN B 87 -24.38 -20.52 6.77
C ASN B 87 -22.91 -20.12 6.66
N GLY B 88 -22.57 -19.43 5.56
CA GLY B 88 -21.24 -18.84 5.43
C GLY B 88 -20.26 -19.82 4.83
N GLN B 89 -19.15 -19.30 4.30
CA GLN B 89 -18.22 -20.14 3.54
C GLN B 89 -17.41 -21.07 4.43
N ALA B 90 -17.13 -20.64 5.65
CA ALA B 90 -16.35 -21.45 6.58
C ALA B 90 -17.00 -22.82 6.81
N LYS B 91 -18.31 -22.82 7.08
CA LYS B 91 -19.05 -24.07 7.30
C LYS B 91 -19.18 -24.90 6.03
N ASP B 92 -18.82 -24.31 4.89
CA ASP B 92 -18.97 -24.97 3.60
C ASP B 92 -17.64 -25.57 3.12
N ALA B 93 -16.56 -25.27 3.84
CA ALA B 93 -15.22 -25.61 3.37
C ALA B 93 -15.03 -27.12 3.14
N THR B 94 -15.73 -27.93 3.92
CA THR B 94 -15.56 -29.38 3.83
C THR B 94 -16.11 -29.91 2.52
N SER B 95 -17.02 -29.16 1.91
CA SER B 95 -17.53 -29.51 0.59
C SER B 95 -16.43 -29.51 -0.46
N PHE B 96 -15.41 -28.69 -0.24
CA PHE B 96 -14.36 -28.50 -1.23
C PHE B 96 -13.10 -29.24 -0.82
N LYS B 97 -13.19 -30.00 0.25
CA LYS B 97 -12.08 -30.84 0.69
C LYS B 97 -10.87 -30.00 1.03
N GLU B 98 -11.11 -28.90 1.73
CA GLU B 98 -10.03 -28.15 2.36
C GLU B 98 -10.38 -27.97 3.83
N SER B 99 -9.39 -27.59 4.64
CA SER B 99 -9.66 -27.25 6.03
C SER B 99 -9.46 -25.77 6.27
N THR B 100 -10.34 -25.17 7.08
CA THR B 100 -10.20 -23.76 7.44
C THR B 100 -8.87 -23.47 8.13
N SER B 101 -8.10 -24.52 8.39
CA SER B 101 -6.82 -24.38 9.07
C SER B 101 -5.80 -23.59 8.25
N SER B 102 -6.00 -23.53 6.94
CA SER B 102 -5.09 -22.80 6.07
C SER B 102 -5.65 -21.44 5.66
N TRP B 103 -6.83 -21.12 6.18
CA TRP B 103 -7.52 -19.88 5.84
C TRP B 103 -6.89 -18.66 6.50
N VAL B 104 -7.04 -17.50 5.87
CA VAL B 104 -6.96 -16.25 6.61
C VAL B 104 -7.86 -16.35 7.83
N PRO B 105 -7.28 -16.19 9.03
CA PRO B 105 -7.99 -16.47 10.27
C PRO B 105 -9.33 -15.73 10.36
N GLN B 106 -9.41 -14.53 9.78
CA GLN B 106 -10.64 -13.74 9.85
C GLN B 106 -11.72 -14.27 8.92
N PHE B 107 -11.34 -15.07 7.93
CA PHE B 107 -12.30 -15.80 7.11
C PHE B 107 -12.87 -17.01 7.85
N ALA B 108 -12.06 -17.59 8.73
CA ALA B 108 -12.43 -18.83 9.42
C ALA B 108 -13.44 -18.58 10.53
N GLY B 109 -14.59 -18.05 10.14
CA GLY B 109 -15.69 -17.80 11.07
C GLY B 109 -16.78 -16.99 10.38
N THR B 110 -17.59 -16.27 11.15
CA THR B 110 -18.59 -15.39 10.59
C THR B 110 -18.55 -13.99 11.22
N GLY B 111 -17.36 -13.56 11.62
CA GLY B 111 -17.17 -12.22 12.16
C GLY B 111 -17.26 -11.13 11.10
N ILE B 112 -16.93 -11.48 9.86
CA ILE B 112 -17.01 -10.50 8.77
C ILE B 112 -18.46 -10.21 8.40
N HIS B 113 -18.87 -8.96 8.59
CA HIS B 113 -20.23 -8.54 8.30
C HIS B 113 -20.40 -8.05 6.86
N GLY B 114 -19.29 -7.78 6.18
CA GLY B 114 -19.38 -7.32 4.80
C GLY B 114 -18.05 -7.08 4.13
N VAL B 115 -18.11 -6.67 2.85
CA VAL B 115 -16.91 -6.29 2.12
C VAL B 115 -17.20 -5.06 1.27
N ILE B 116 -16.25 -4.13 1.25
CA ILE B 116 -16.31 -3.03 0.32
C ILE B 116 -15.27 -3.23 -0.78
N ILE B 117 -15.73 -3.18 -2.02
CA ILE B 117 -14.84 -3.25 -3.15
C ILE B 117 -14.56 -1.85 -3.67
N LEU B 118 -13.30 -1.45 -3.58
CA LEU B 118 -12.84 -0.20 -4.17
C LEU B 118 -11.99 -0.50 -5.40
N ALA B 119 -12.25 0.24 -6.48
CA ALA B 119 -11.48 0.08 -7.69
C ALA B 119 -11.05 1.45 -8.21
N SER B 120 -9.79 1.55 -8.61
CA SER B 120 -9.26 2.78 -9.14
C SER B 120 -8.00 2.49 -9.93
N ASP B 121 -7.51 3.47 -10.67
CA ASP B 121 -6.35 3.25 -11.50
C ASP B 121 -5.02 3.47 -10.78
N THR B 122 -5.09 4.06 -9.58
CA THR B 122 -3.92 4.11 -8.68
C THR B 122 -4.28 3.64 -7.27
N THR B 123 -3.33 3.03 -6.59
CA THR B 123 -3.51 2.63 -5.19
C THR B 123 -3.60 3.86 -4.29
N ASP B 124 -2.97 4.95 -4.71
CA ASP B 124 -3.05 6.21 -3.97
C ASP B 124 -4.50 6.62 -3.73
N LEU B 125 -5.28 6.67 -4.81
CA LEU B 125 -6.68 7.06 -4.74
C LEU B 125 -7.48 6.10 -3.86
N ILE B 126 -7.19 4.81 -3.98
CA ILE B 126 -7.85 3.81 -3.15
C ILE B 126 -7.62 4.11 -1.67
N ASP B 127 -6.38 4.46 -1.32
CA ASP B 127 -6.02 4.68 0.09
C ASP B 127 -6.70 5.94 0.66
N GLN B 128 -6.83 6.96 -0.17
CA GLN B 128 -7.52 8.17 0.25
C GLN B 128 -8.99 7.84 0.50
N GLN B 129 -9.56 6.95 -0.32
CA GLN B 129 -10.95 6.57 -0.15
C GLN B 129 -11.19 5.73 1.11
N VAL B 130 -10.28 4.80 1.39
CA VAL B 130 -10.29 4.09 2.66
C VAL B 130 -10.30 5.08 3.83
N ALA B 131 -9.36 6.02 3.83
CA ALA B 131 -9.31 7.03 4.88
C ALA B 131 -10.68 7.67 5.03
N SER B 132 -11.25 8.10 3.90
CA SER B 132 -12.52 8.81 3.90
C SER B 132 -13.67 7.98 4.46
N ILE B 133 -13.70 6.70 4.10
CA ILE B 133 -14.70 5.77 4.60
C ILE B 133 -14.57 5.53 6.11
N GLU B 134 -13.34 5.39 6.58
CA GLU B 134 -13.09 5.07 7.97
C GLU B 134 -13.45 6.24 8.89
N SER B 135 -13.17 7.46 8.44
CA SER B 135 -13.44 8.63 9.26
C SER B 135 -14.91 8.98 9.21
N THR B 136 -15.57 8.64 8.11
CA THR B 136 -17.00 8.83 7.98
C THR B 136 -17.73 7.94 8.99
N PHE B 137 -17.41 6.65 8.96
CA PHE B 137 -18.05 5.66 9.82
C PHE B 137 -17.53 5.71 11.26
N GLY B 138 -16.29 6.17 11.44
CA GLY B 138 -15.67 6.19 12.76
C GLY B 138 -15.72 4.83 13.45
N SER B 139 -16.17 4.84 14.70
CA SER B 139 -16.18 3.63 15.50
C SER B 139 -17.30 2.66 15.14
N SER B 140 -18.14 3.02 14.18
CA SER B 140 -19.27 2.15 13.82
C SER B 140 -18.82 0.92 13.01
N ILE B 141 -17.58 0.93 12.56
CA ILE B 141 -17.04 -0.23 11.85
C ILE B 141 -15.60 -0.52 12.28
N SER B 142 -15.18 -1.77 12.09
CA SER B 142 -13.79 -2.18 12.30
C SER B 142 -13.34 -2.91 11.07
N LYS B 143 -12.12 -2.66 10.62
CA LYS B 143 -11.52 -3.47 9.56
C LYS B 143 -10.96 -4.75 10.16
N LEU B 144 -11.35 -5.88 9.58
CA LEU B 144 -10.89 -7.17 10.07
C LEU B 144 -9.78 -7.70 9.18
N TYR B 145 -9.80 -7.30 7.93
CA TYR B 145 -8.88 -7.82 6.94
C TYR B 145 -9.10 -7.06 5.63
N SER B 146 -8.05 -6.94 4.83
CA SER B 146 -8.17 -6.41 3.49
C SER B 146 -7.16 -7.06 2.56
N LEU B 147 -7.49 -7.09 1.27
CA LEU B 147 -6.58 -7.64 0.29
C LEU B 147 -6.53 -6.72 -0.92
N SER B 148 -5.32 -6.29 -1.28
CA SER B 148 -5.11 -5.48 -2.47
C SER B 148 -4.90 -6.35 -3.69
N ALA B 149 -5.36 -5.87 -4.83
CA ALA B 149 -5.28 -6.63 -6.06
C ALA B 149 -4.98 -5.66 -7.19
N SER B 150 -4.38 -6.15 -8.26
CA SER B 150 -4.23 -5.34 -9.46
C SER B 150 -4.14 -6.16 -10.74
N ILE B 151 -4.49 -5.52 -11.85
CA ILE B 151 -4.15 -6.02 -13.16
C ILE B 151 -2.64 -6.14 -13.24
N ARG B 152 -2.16 -7.27 -13.77
CA ARG B 152 -0.72 -7.50 -13.87
C ARG B 152 -0.09 -6.56 -14.91
N PRO B 153 1.23 -6.37 -14.82
CA PRO B 153 2.00 -5.38 -15.57
C PRO B 153 2.03 -5.64 -17.07
N GLY B 154 1.94 -4.57 -17.86
CA GLY B 154 2.34 -4.60 -19.27
C GLY B 154 1.69 -5.71 -20.06
N ASN B 155 2.50 -6.49 -20.77
CA ASN B 155 1.99 -7.55 -21.63
C ASN B 155 1.12 -8.55 -20.87
N GLU B 156 1.27 -8.58 -19.56
CA GLU B 156 0.58 -9.57 -18.74
C GLU B 156 -0.76 -9.05 -18.25
N ALA B 157 -1.12 -7.84 -18.68
CA ALA B 157 -2.35 -7.21 -18.24
C ALA B 157 -3.54 -8.08 -18.61
N GLY B 158 -4.39 -8.38 -17.64
CA GLY B 158 -5.58 -9.18 -17.90
C GLY B 158 -5.26 -10.66 -17.92
N HIS B 159 -3.99 -10.99 -17.78
CA HIS B 159 -3.55 -12.36 -17.49
C HIS B 159 -3.56 -12.59 -15.98
N GLU B 160 -3.84 -13.81 -15.56
CA GLU B 160 -3.61 -14.17 -14.16
C GLU B 160 -2.16 -14.59 -13.91
N MET B 161 -1.89 -15.06 -12.69
CA MET B 161 -0.53 -15.11 -12.19
C MET B 161 0.28 -16.27 -12.78
N PHE B 162 -0.39 -17.33 -13.22
CA PHE B 162 0.29 -18.39 -13.95
C PHE B 162 0.57 -17.94 -15.39
N GLY B 163 0.07 -16.76 -15.76
CA GLY B 163 0.40 -16.14 -17.04
C GLY B 163 -0.63 -16.33 -18.15
N PHE B 164 -1.80 -16.86 -17.80
CA PHE B 164 -2.84 -17.11 -18.81
C PHE B 164 -3.81 -15.94 -18.93
N LEU B 165 -4.08 -15.52 -20.16
CA LEU B 165 -5.11 -14.52 -20.43
C LEU B 165 -6.42 -14.93 -19.76
N ASP B 166 -7.05 -13.98 -19.07
CA ASP B 166 -8.22 -14.28 -18.25
C ASP B 166 -9.38 -13.36 -18.61
N GLY B 167 -10.58 -13.69 -18.13
CA GLY B 167 -11.76 -12.88 -18.41
C GLY B 167 -12.31 -13.06 -19.81
N ILE B 168 -11.85 -14.08 -20.51
CA ILE B 168 -12.31 -14.31 -21.89
C ILE B 168 -13.78 -14.70 -21.93
N ALA B 169 -14.16 -15.64 -21.06
CA ALA B 169 -15.44 -16.32 -21.18
C ALA B 169 -16.36 -15.97 -20.01
N GLN B 170 -17.48 -15.34 -20.33
CA GLN B 170 -18.54 -15.14 -19.36
C GLN B 170 -19.88 -15.58 -19.96
N PRO B 171 -20.87 -15.87 -19.10
CA PRO B 171 -22.23 -16.04 -19.61
C PRO B 171 -22.74 -14.74 -20.19
N ALA B 172 -23.44 -14.83 -21.32
CA ALA B 172 -24.16 -13.67 -21.85
C ALA B 172 -25.58 -13.65 -21.32
N ILE B 173 -25.94 -12.58 -20.62
CA ILE B 173 -27.28 -12.42 -20.10
C ILE B 173 -28.23 -12.09 -21.24
N ASN B 174 -29.14 -13.01 -21.53
CA ASN B 174 -30.18 -12.76 -22.53
C ASN B 174 -30.88 -11.42 -22.31
N GLY B 175 -30.80 -10.54 -23.29
CA GLY B 175 -31.47 -9.24 -23.21
C GLY B 175 -30.58 -8.14 -22.67
N PHE B 176 -29.36 -8.50 -22.29
CA PHE B 176 -28.41 -7.52 -21.75
C PHE B 176 -27.11 -7.55 -22.55
N ASN B 177 -26.54 -8.73 -22.73
CA ASN B 177 -25.31 -8.87 -23.49
C ASN B 177 -25.58 -9.10 -24.96
N THR B 178 -24.66 -8.64 -25.80
CA THR B 178 -24.55 -9.13 -27.18
C THR B 178 -23.69 -10.40 -27.21
N PRO B 179 -24.33 -11.56 -27.38
CA PRO B 179 -23.64 -12.84 -27.44
C PRO B 179 -22.49 -12.85 -28.45
N LEU B 180 -21.30 -13.22 -27.98
CA LEU B 180 -20.17 -13.53 -28.86
C LEU B 180 -20.23 -14.98 -29.32
N PRO B 181 -19.62 -15.29 -30.47
CA PRO B 181 -19.59 -16.66 -30.95
C PRO B 181 -19.12 -17.63 -29.86
N GLY B 182 -19.95 -18.61 -29.54
CA GLY B 182 -19.56 -19.69 -28.64
C GLY B 182 -20.03 -19.44 -27.22
N GLN B 183 -20.32 -18.18 -26.93
CA GLN B 183 -20.69 -17.76 -25.59
C GLN B 183 -22.03 -18.37 -25.20
N ASN B 184 -22.09 -18.96 -24.00
CA ASN B 184 -23.37 -19.38 -23.47
C ASN B 184 -24.29 -18.19 -23.24
N ILE B 185 -25.59 -18.46 -23.33
CA ILE B 185 -26.60 -17.40 -23.25
C ILE B 185 -27.65 -17.85 -22.24
N VAL B 186 -27.87 -17.04 -21.21
CA VAL B 186 -28.63 -17.49 -20.05
C VAL B 186 -29.67 -16.45 -19.60
N ASP B 187 -30.67 -16.93 -18.87
CA ASP B 187 -31.65 -16.05 -18.23
C ASP B 187 -30.95 -15.18 -17.19
N ALA B 188 -31.31 -13.90 -17.16
CA ALA B 188 -30.79 -12.97 -16.18
C ALA B 188 -30.84 -13.55 -14.77
N GLY B 189 -31.87 -14.34 -14.51
CA GLY B 189 -32.14 -14.85 -13.15
C GLY B 189 -31.12 -15.88 -12.68
N VAL B 190 -30.22 -16.29 -13.55
CA VAL B 190 -29.13 -17.17 -13.16
C VAL B 190 -28.06 -16.39 -12.36
N ILE B 191 -27.95 -15.10 -12.64
CA ILE B 191 -26.95 -14.29 -11.99
C ILE B 191 -27.58 -13.26 -11.05
N ILE B 192 -28.75 -12.76 -11.41
CA ILE B 192 -29.38 -11.65 -10.69
C ILE B 192 -30.62 -12.13 -9.95
N THR B 193 -30.58 -12.05 -8.63
CA THR B 193 -31.69 -12.52 -7.81
C THR B 193 -32.99 -11.80 -8.16
N GLY B 194 -34.07 -12.56 -8.29
CA GLY B 194 -35.36 -11.98 -8.66
C GLY B 194 -35.47 -11.61 -10.12
N ALA B 195 -34.37 -11.79 -10.87
CA ALA B 195 -34.37 -11.58 -12.31
C ALA B 195 -35.12 -12.68 -13.07
N THR B 196 -35.22 -12.52 -14.38
CA THR B 196 -36.00 -13.42 -15.23
C THR B 196 -35.64 -14.88 -14.98
N ASN B 197 -36.68 -15.68 -14.66
CA ASN B 197 -36.54 -17.11 -14.42
C ASN B 197 -35.69 -17.53 -13.23
N ASP B 198 -35.43 -16.61 -12.31
CA ASP B 198 -34.92 -17.00 -10.99
C ASP B 198 -36.04 -17.65 -10.18
N PRO B 199 -35.97 -18.98 -10.00
CA PRO B 199 -37.09 -19.70 -9.41
C PRO B 199 -37.24 -19.46 -7.91
N ILE B 200 -36.23 -18.88 -7.27
CA ILE B 200 -36.24 -18.69 -5.83
C ILE B 200 -36.92 -17.37 -5.46
N THR B 201 -37.91 -17.42 -4.58
CA THR B 201 -38.60 -16.23 -4.10
C THR B 201 -37.65 -15.39 -3.24
N ARG B 202 -37.57 -14.09 -3.55
CA ARG B 202 -36.69 -13.19 -2.80
C ARG B 202 -37.52 -12.13 -2.09
N PRO B 203 -36.96 -11.55 -1.03
CA PRO B 203 -37.52 -10.28 -0.56
C PRO B 203 -37.48 -9.26 -1.70
N SER B 204 -38.57 -8.51 -1.85
CA SER B 204 -38.68 -7.58 -2.97
C SER B 204 -37.49 -6.62 -3.03
N TRP B 205 -36.98 -6.22 -1.86
CA TRP B 205 -35.87 -5.27 -1.81
C TRP B 205 -34.54 -5.85 -2.33
N ALA B 206 -34.47 -7.19 -2.41
CA ALA B 206 -33.25 -7.88 -2.83
C ALA B 206 -33.17 -8.11 -4.34
N VAL B 207 -34.24 -7.74 -5.05
CA VAL B 207 -34.34 -7.99 -6.48
C VAL B 207 -33.39 -7.09 -7.26
N GLY B 208 -32.45 -7.70 -7.97
CA GLY B 208 -31.41 -6.93 -8.67
C GLY B 208 -30.06 -7.05 -7.98
N GLY B 209 -30.00 -7.89 -6.95
CA GLY B 209 -28.75 -8.18 -6.27
C GLY B 209 -28.13 -9.46 -6.82
N SER B 210 -27.00 -9.86 -6.24
CA SER B 210 -26.34 -11.11 -6.61
C SER B 210 -25.53 -11.63 -5.44
N PHE B 211 -25.26 -12.93 -5.42
CA PHE B 211 -24.40 -13.49 -4.38
C PHE B 211 -22.93 -13.50 -4.79
N LEU B 212 -22.09 -12.94 -3.94
CA LEU B 212 -20.66 -12.83 -4.19
C LEU B 212 -19.95 -13.97 -3.45
N ALA B 213 -19.36 -14.90 -4.21
CA ALA B 213 -18.42 -15.86 -3.64
C ALA B 213 -17.00 -15.32 -3.75
N PHE B 214 -16.42 -14.92 -2.62
CA PHE B 214 -15.03 -14.45 -2.58
C PHE B 214 -14.07 -15.55 -2.14
N ARG B 215 -12.95 -15.66 -2.82
CA ARG B 215 -11.91 -16.64 -2.47
C ARG B 215 -10.51 -16.05 -2.64
N GLN B 216 -9.69 -16.18 -1.60
CA GLN B 216 -8.27 -15.86 -1.71
C GLN B 216 -7.48 -17.11 -2.06
N LEU B 217 -7.08 -17.19 -3.32
CA LEU B 217 -6.48 -18.41 -3.84
C LEU B 217 -5.04 -18.13 -4.22
N GLU B 218 -4.12 -18.55 -3.36
CA GLU B 218 -2.70 -18.39 -3.62
C GLU B 218 -2.25 -19.34 -4.73
N GLN B 219 -1.36 -18.84 -5.59
CA GLN B 219 -0.82 -19.64 -6.67
C GLN B 219 0.69 -19.80 -6.51
N LEU B 220 1.16 -21.03 -6.65
CA LEU B 220 2.60 -21.30 -6.53
C LEU B 220 3.22 -21.29 -7.91
N VAL B 221 3.58 -20.11 -8.38
CA VAL B 221 3.85 -19.90 -9.78
C VAL B 221 5.16 -20.58 -10.19
N PRO B 222 6.22 -20.37 -9.40
CA PRO B 222 7.51 -20.99 -9.71
C PRO B 222 7.41 -22.52 -9.69
N GLU B 223 6.64 -23.05 -8.75
CA GLU B 223 6.45 -24.49 -8.64
C GLU B 223 5.64 -25.06 -9.81
N PHE B 224 4.50 -24.44 -10.09
CA PHE B 224 3.81 -24.65 -11.37
C PHE B 224 4.79 -24.71 -12.55
N ASN B 225 5.52 -23.61 -12.77
CA ASN B 225 6.41 -23.53 -13.92
C ASN B 225 7.36 -24.73 -14.02
N LYS B 226 7.96 -25.08 -12.88
CA LYS B 226 8.96 -26.12 -12.83
C LYS B 226 8.33 -27.49 -13.10
N TYR B 227 7.11 -27.68 -12.62
CA TYR B 227 6.39 -28.93 -12.82
C TYR B 227 6.09 -29.15 -14.31
N LEU B 228 5.65 -28.10 -14.98
CA LEU B 228 5.44 -28.15 -16.42
C LEU B 228 6.72 -28.61 -17.10
N LEU B 229 7.83 -27.96 -16.76
CA LEU B 229 9.12 -28.32 -17.33
C LEU B 229 9.46 -29.77 -17.07
N ASP B 230 9.22 -30.23 -15.85
CA ASP B 230 9.64 -31.57 -15.43
C ASP B 230 8.80 -32.67 -16.08
N ASN B 231 7.54 -32.36 -16.37
CA ASN B 231 6.62 -33.35 -16.90
C ASN B 231 6.15 -33.02 -18.32
N ALA B 232 6.95 -32.26 -19.06
CA ALA B 232 6.58 -31.91 -20.43
C ALA B 232 6.50 -33.16 -21.28
N PRO B 233 5.36 -33.37 -21.97
CA PRO B 233 5.23 -34.56 -22.80
C PRO B 233 6.39 -34.69 -23.78
N ALA B 234 6.98 -35.88 -23.85
CA ALA B 234 8.02 -36.15 -24.83
C ALA B 234 7.56 -35.76 -26.22
N GLY B 235 8.50 -35.37 -27.06
CA GLY B 235 8.21 -34.90 -28.40
C GLY B 235 9.26 -33.90 -28.81
N SER B 236 8.87 -32.96 -29.67
CA SER B 236 9.68 -31.77 -29.91
C SER B 236 8.78 -30.57 -30.28
N GLY B 237 9.40 -29.43 -30.50
CA GLY B 237 10.83 -29.26 -30.28
C GLY B 237 11.14 -28.92 -28.84
N SER B 238 11.33 -27.62 -28.58
CA SER B 238 11.97 -27.17 -27.35
C SER B 238 11.23 -27.63 -26.10
N LEU B 239 11.97 -27.78 -25.00
CA LEU B 239 11.41 -28.22 -23.74
C LEU B 239 10.38 -27.21 -23.22
N GLN B 240 10.65 -25.92 -23.42
CA GLN B 240 9.75 -24.87 -22.94
C GLN B 240 8.41 -24.92 -23.66
N ALA B 241 8.46 -25.19 -24.96
CA ALA B 241 7.24 -25.25 -25.77
C ALA B 241 6.40 -26.46 -25.39
N ARG B 242 7.06 -27.56 -25.06
CA ARG B 242 6.34 -28.74 -24.61
C ARG B 242 5.83 -28.58 -23.18
N ALA B 243 6.54 -27.77 -22.40
CA ALA B 243 6.05 -27.36 -21.09
C ALA B 243 4.83 -26.43 -21.24
N ASP B 244 4.92 -25.48 -22.16
CA ASP B 244 3.80 -24.61 -22.48
C ASP B 244 2.58 -25.41 -22.95
N LEU B 245 2.80 -26.36 -23.86
CA LEU B 245 1.72 -27.19 -24.34
C LEU B 245 0.99 -27.85 -23.17
N LEU B 246 1.77 -28.44 -22.26
CA LEU B 246 1.19 -29.14 -21.12
C LEU B 246 0.43 -28.16 -20.24
N GLY B 247 1.02 -27.00 -19.99
CA GLY B 247 0.32 -25.91 -19.31
C GLY B 247 -1.03 -25.68 -19.96
N ALA B 248 -1.01 -25.43 -21.27
CA ALA B 248 -2.22 -25.20 -22.04
C ALA B 248 -3.27 -26.28 -21.83
N ARG B 249 -2.86 -27.54 -21.92
CA ARG B 249 -3.79 -28.65 -21.84
C ARG B 249 -4.39 -28.76 -20.43
N MET B 250 -3.72 -28.18 -19.45
CA MET B 250 -4.24 -28.14 -18.10
C MET B 250 -5.38 -27.11 -17.97
N VAL B 251 -5.19 -25.95 -18.60
CA VAL B 251 -6.16 -24.87 -18.48
C VAL B 251 -7.26 -25.02 -19.54
N GLY B 252 -6.87 -25.40 -20.74
CA GLY B 252 -7.79 -25.49 -21.87
C GLY B 252 -7.61 -24.30 -22.81
N ARG B 253 -6.67 -23.43 -22.45
CA ARG B 253 -6.26 -22.33 -23.31
C ARG B 253 -4.76 -22.18 -23.24
N TRP B 254 -4.16 -21.69 -24.32
CA TRP B 254 -2.81 -21.15 -24.27
C TRP B 254 -2.80 -19.86 -23.46
N LYS B 255 -1.60 -19.37 -23.12
CA LYS B 255 -1.48 -18.18 -22.29
C LYS B 255 -1.96 -16.96 -23.07
N SER B 256 -1.89 -17.06 -24.39
CA SER B 256 -2.43 -16.02 -25.28
C SER B 256 -3.95 -16.00 -25.22
N GLY B 257 -4.55 -17.07 -24.70
CA GLY B 257 -5.99 -17.19 -24.63
C GLY B 257 -6.57 -18.03 -25.76
N ALA B 258 -5.72 -18.41 -26.72
CA ALA B 258 -6.16 -19.32 -27.77
C ALA B 258 -6.68 -20.61 -27.15
N PRO B 259 -7.95 -20.94 -27.41
CA PRO B 259 -8.50 -22.18 -26.91
C PRO B 259 -7.88 -23.37 -27.62
N ILE B 260 -7.50 -24.40 -26.86
CA ILE B 260 -6.79 -25.53 -27.42
C ILE B 260 -7.72 -26.45 -28.21
N ASP B 261 -9.02 -26.30 -27.99
CA ASP B 261 -10.01 -27.04 -28.75
C ASP B 261 -9.95 -26.64 -30.23
N LEU B 262 -9.60 -25.39 -30.48
CA LEU B 262 -9.50 -24.86 -31.83
C LEU B 262 -8.08 -24.91 -32.37
N THR B 263 -7.09 -24.93 -31.47
CA THR B 263 -5.71 -25.06 -31.89
C THR B 263 -4.89 -25.89 -30.91
N PRO B 264 -4.89 -27.22 -31.11
CA PRO B 264 -4.55 -28.23 -30.12
C PRO B 264 -3.04 -28.47 -29.96
N THR B 265 -2.26 -28.14 -30.98
CA THR B 265 -0.86 -28.54 -31.01
C THR B 265 0.08 -27.35 -30.95
N ALA B 266 -0.44 -26.15 -31.19
CA ALA B 266 0.38 -24.96 -31.20
C ALA B 266 -0.45 -23.72 -30.84
N ASP B 267 0.17 -22.76 -30.16
CA ASP B 267 -0.51 -21.52 -29.82
C ASP B 267 -0.89 -20.75 -31.09
N ASP B 268 -1.90 -19.89 -30.96
CA ASP B 268 -2.24 -18.94 -32.00
C ASP B 268 -2.69 -17.62 -31.37
N PRO B 269 -1.74 -16.69 -31.19
CA PRO B 269 -1.94 -15.50 -30.36
C PRO B 269 -3.05 -14.61 -30.91
N ALA B 270 -3.09 -14.48 -32.24
CA ALA B 270 -4.11 -13.66 -32.88
C ALA B 270 -5.50 -14.23 -32.62
N LEU B 271 -5.63 -15.55 -32.69
CA LEU B 271 -6.88 -16.20 -32.31
C LEU B 271 -7.23 -15.83 -30.87
N GLY B 272 -6.25 -15.96 -29.97
CA GLY B 272 -6.46 -15.65 -28.56
C GLY B 272 -6.95 -14.24 -28.32
N ALA B 273 -6.52 -13.31 -29.16
CA ALA B 273 -6.83 -11.89 -28.95
C ALA B 273 -8.16 -11.50 -29.59
N ASP B 274 -8.80 -12.47 -30.23
CA ASP B 274 -9.98 -12.19 -31.05
C ASP B 274 -11.27 -12.65 -30.37
N ALA B 275 -12.00 -11.69 -29.81
CA ALA B 275 -13.25 -11.99 -29.12
C ALA B 275 -14.27 -12.69 -30.01
N GLN B 276 -14.18 -12.46 -31.33
CA GLN B 276 -15.12 -13.07 -32.27
C GLN B 276 -14.84 -14.55 -32.53
N ARG B 277 -13.72 -15.05 -32.03
CA ARG B 277 -13.24 -16.39 -32.39
C ARG B 277 -12.85 -17.26 -31.19
N ASN B 278 -12.32 -16.64 -30.14
CA ASN B 278 -11.59 -17.36 -29.10
C ASN B 278 -12.50 -18.14 -28.15
N ASN B 279 -13.81 -17.96 -28.30
CA ASN B 279 -14.78 -18.71 -27.51
C ASN B 279 -15.70 -19.56 -28.36
N ASN B 280 -15.37 -19.66 -29.64
CA ASN B 280 -16.30 -20.21 -30.61
C ASN B 280 -16.06 -21.72 -30.81
N PHE B 281 -16.32 -22.49 -29.75
CA PHE B 281 -16.14 -23.95 -29.79
C PHE B 281 -17.10 -24.63 -28.81
N THR B 282 -17.28 -25.93 -28.97
CA THR B 282 -18.19 -26.69 -28.10
C THR B 282 -17.52 -27.94 -27.54
N TYR B 283 -16.32 -28.23 -28.02
CA TYR B 283 -15.62 -29.47 -27.70
C TYR B 283 -15.98 -30.64 -28.61
N SER B 284 -17.01 -30.46 -29.44
CA SER B 284 -17.35 -31.45 -30.45
C SER B 284 -16.51 -31.22 -31.70
N HIS B 285 -16.10 -32.32 -32.32
CA HIS B 285 -15.39 -32.25 -33.59
C HIS B 285 -15.84 -33.38 -34.51
N ALA B 286 -16.26 -33.02 -35.72
CA ALA B 286 -16.45 -34.01 -36.78
C ALA B 286 -15.09 -34.40 -37.34
N GLY B 287 -14.84 -35.69 -37.44
CA GLY B 287 -15.66 -36.69 -36.79
C GLY B 287 -14.83 -37.45 -35.78
N PHE B 288 -14.70 -36.87 -34.58
CA PHE B 288 -14.14 -37.58 -33.45
C PHE B 288 -15.27 -37.97 -32.51
N ASP B 289 -15.02 -38.96 -31.65
CA ASP B 289 -16.00 -39.34 -30.64
C ASP B 289 -15.85 -38.47 -29.40
N LEU B 290 -16.90 -37.68 -29.10
CA LEU B 290 -16.88 -36.74 -27.99
C LEU B 290 -16.56 -37.42 -26.67
N GLY B 291 -17.04 -38.65 -26.49
CA GLY B 291 -16.85 -39.39 -25.25
C GLY B 291 -15.44 -39.94 -25.04
N SER B 292 -14.63 -39.93 -26.09
CA SER B 292 -13.34 -40.61 -26.02
C SER B 292 -12.15 -39.76 -26.45
N ASP B 293 -12.40 -38.73 -27.27
CA ASP B 293 -11.31 -37.92 -27.81
C ASP B 293 -10.86 -36.81 -26.88
N GLN B 294 -9.61 -36.90 -26.43
CA GLN B 294 -9.01 -35.82 -25.66
C GLN B 294 -7.86 -35.16 -26.40
N SER B 295 -7.80 -35.40 -27.71
CA SER B 295 -6.68 -34.91 -28.52
C SER B 295 -6.80 -33.42 -28.81
N HIS B 296 -8.02 -32.91 -28.75
CA HIS B 296 -8.23 -31.47 -28.87
C HIS B 296 -8.12 -30.81 -27.51
N CYS B 297 -8.87 -31.32 -26.54
CA CYS B 297 -8.85 -30.76 -25.19
C CYS B 297 -9.16 -31.83 -24.18
N PRO B 298 -8.24 -32.03 -23.20
CA PRO B 298 -8.48 -33.03 -22.16
C PRO B 298 -9.83 -32.83 -21.49
N PHE B 299 -10.43 -33.92 -21.01
CA PHE B 299 -11.69 -33.85 -20.28
C PHE B 299 -11.50 -33.14 -18.94
N SER B 300 -10.25 -33.01 -18.51
CA SER B 300 -9.93 -32.56 -17.15
C SER B 300 -9.44 -31.13 -17.14
N ALA B 301 -9.36 -30.51 -18.31
CA ALA B 301 -8.87 -29.14 -18.41
C ALA B 301 -9.80 -28.23 -17.62
N HIS B 302 -9.23 -27.23 -16.98
CA HIS B 302 -9.99 -26.32 -16.12
C HIS B 302 -11.29 -25.85 -16.75
N ILE B 303 -11.20 -25.22 -17.92
CA ILE B 303 -12.38 -24.56 -18.49
C ILE B 303 -13.45 -25.57 -18.88
N ARG B 304 -13.03 -26.76 -19.29
CA ARG B 304 -13.97 -27.79 -19.73
C ARG B 304 -14.66 -28.39 -18.53
N LYS B 305 -13.95 -28.44 -17.41
CA LYS B 305 -14.53 -28.78 -16.12
C LYS B 305 -15.54 -27.74 -15.61
N THR B 306 -15.28 -26.46 -15.86
CA THR B 306 -16.11 -25.40 -15.26
C THR B 306 -17.28 -24.95 -16.17
N ARG B 307 -17.06 -25.02 -17.48
CA ARG B 307 -18.16 -24.99 -18.46
C ARG B 307 -17.99 -26.12 -19.47
N PRO B 308 -18.68 -27.24 -19.26
CA PRO B 308 -18.48 -28.48 -20.00
C PRO B 308 -19.06 -28.45 -21.42
N ARG B 309 -19.84 -27.42 -21.73
CA ARG B 309 -20.45 -27.29 -23.05
C ARG B 309 -21.00 -28.64 -23.54
N ALA B 310 -20.62 -29.08 -24.72
CA ALA B 310 -21.25 -30.25 -25.34
C ALA B 310 -21.10 -31.52 -24.51
N ASP B 311 -20.23 -31.48 -23.50
CA ASP B 311 -20.08 -32.60 -22.58
C ASP B 311 -21.36 -32.89 -21.80
N LEU B 312 -22.22 -31.88 -21.66
CA LEU B 312 -23.48 -32.05 -20.92
C LEU B 312 -24.72 -32.00 -21.82
N GLY B 313 -24.52 -32.14 -23.13
CA GLY B 313 -25.63 -32.09 -24.08
C GLY B 313 -25.68 -30.83 -24.92
N GLY B 314 -26.77 -30.65 -25.65
CA GLY B 314 -27.00 -29.43 -26.42
C GLY B 314 -26.28 -29.42 -27.75
N SER B 315 -26.35 -28.30 -28.45
CA SER B 315 -25.85 -28.20 -29.81
C SER B 315 -24.37 -28.57 -29.90
N LEU B 316 -24.02 -29.39 -30.88
CA LEU B 316 -22.63 -29.74 -31.14
C LEU B 316 -21.89 -28.63 -31.89
N THR B 317 -22.64 -27.74 -32.54
CA THR B 317 -22.04 -26.58 -33.21
C THR B 317 -22.32 -25.30 -32.41
N PRO B 318 -21.44 -24.30 -32.53
CA PRO B 318 -21.57 -23.12 -31.69
C PRO B 318 -22.85 -22.37 -31.99
N PRO B 319 -23.54 -21.91 -30.94
CA PRO B 319 -23.04 -22.04 -29.57
C PRO B 319 -23.77 -23.14 -28.81
N ASN B 320 -23.04 -23.89 -28.00
CA ASN B 320 -23.65 -24.79 -27.03
C ASN B 320 -24.30 -24.03 -25.89
N LEU B 321 -25.49 -24.47 -25.46
CA LEU B 321 -26.24 -23.74 -24.44
C LEU B 321 -26.49 -24.56 -23.18
N SER B 322 -25.76 -25.66 -23.02
CA SER B 322 -25.96 -26.57 -21.91
C SER B 322 -25.67 -25.89 -20.57
N ALA B 323 -26.36 -26.35 -19.53
CA ALA B 323 -26.00 -26.04 -18.15
C ALA B 323 -25.95 -24.54 -17.92
N GLY B 324 -26.87 -23.83 -18.55
CA GLY B 324 -27.05 -22.40 -18.31
C GLY B 324 -27.04 -22.06 -16.84
N ALA B 325 -27.85 -22.77 -16.05
CA ALA B 325 -28.07 -22.41 -14.65
C ALA B 325 -26.79 -22.51 -13.80
N ASN B 326 -25.80 -23.24 -14.30
CA ASN B 326 -24.52 -23.35 -13.61
C ASN B 326 -23.47 -22.35 -14.08
N SER B 327 -23.92 -21.23 -14.62
CA SER B 327 -23.00 -20.18 -15.04
C SER B 327 -22.64 -19.31 -13.84
N ILE B 328 -21.43 -18.75 -13.87
CA ILE B 328 -21.05 -17.69 -12.94
C ILE B 328 -20.49 -16.52 -13.73
N MET B 329 -20.68 -15.32 -13.20
CA MET B 329 -19.89 -14.16 -13.63
C MET B 329 -18.65 -14.04 -12.76
N ARG B 330 -17.51 -13.85 -13.40
CA ARG B 330 -16.22 -13.80 -12.72
C ARG B 330 -15.65 -12.39 -12.78
N SER B 331 -15.31 -11.84 -11.62
CA SER B 331 -14.59 -10.57 -11.53
C SER B 331 -13.30 -10.71 -10.74
N GLY B 332 -12.63 -11.85 -10.85
CA GLY B 332 -11.37 -12.09 -10.15
C GLY B 332 -10.22 -11.20 -10.62
N ILE B 333 -9.37 -10.80 -9.68
CA ILE B 333 -8.19 -9.98 -9.97
C ILE B 333 -6.98 -10.59 -9.28
N PRO B 334 -5.83 -10.62 -9.97
CA PRO B 334 -4.61 -11.14 -9.35
C PRO B 334 -4.23 -10.31 -8.13
N TYR B 335 -3.59 -10.95 -7.15
CA TYR B 335 -2.99 -10.23 -6.02
C TYR B 335 -1.54 -10.63 -5.80
N GLY B 336 -0.79 -9.78 -5.10
CA GLY B 336 0.59 -10.09 -4.75
C GLY B 336 1.57 -9.57 -5.78
N PRO B 337 2.87 -9.61 -5.44
CA PRO B 337 3.90 -9.14 -6.37
C PRO B 337 4.13 -10.13 -7.51
N GLU B 338 4.77 -9.66 -8.57
CA GLU B 338 5.28 -10.54 -9.63
C GLU B 338 6.33 -11.49 -9.06
N VAL B 339 6.51 -12.64 -9.71
CA VAL B 339 7.61 -13.54 -9.38
C VAL B 339 8.95 -12.79 -9.44
N THR B 340 9.79 -12.98 -8.42
CA THR B 340 11.10 -12.33 -8.36
C THR B 340 12.17 -13.21 -8.99
N SER B 341 13.35 -12.63 -9.22
CA SER B 341 14.50 -13.40 -9.70
C SER B 341 14.79 -14.57 -8.77
N ALA B 342 14.82 -14.30 -7.47
CA ALA B 342 15.19 -15.31 -6.49
C ALA B 342 14.22 -16.48 -6.51
N GLU B 343 12.93 -16.18 -6.57
CA GLU B 343 11.90 -17.22 -6.59
C GLU B 343 11.98 -18.06 -7.87
N SER B 344 12.20 -17.40 -8.99
CA SER B 344 12.29 -18.07 -10.27
C SER B 344 13.50 -19.01 -10.30
N ALA B 345 14.64 -18.51 -9.84
CA ALA B 345 15.88 -19.27 -9.89
C ALA B 345 15.84 -20.50 -8.99
N SER B 346 15.14 -20.38 -7.86
CA SER B 346 15.07 -21.49 -6.91
C SER B 346 13.82 -22.33 -7.13
N ASN B 347 12.98 -21.92 -8.08
CA ASN B 347 11.71 -22.59 -8.32
C ASN B 347 10.87 -22.69 -7.05
N THR B 348 10.99 -21.70 -6.17
CA THR B 348 10.31 -21.72 -4.89
C THR B 348 9.62 -20.38 -4.63
N THR B 349 8.35 -20.45 -4.24
CA THR B 349 7.60 -19.27 -3.81
C THR B 349 8.03 -18.82 -2.41
N THR B 350 8.24 -17.52 -2.24
CA THR B 350 8.51 -16.95 -0.92
C THR B 350 7.50 -15.85 -0.61
N GLN B 351 6.95 -15.24 -1.65
CA GLN B 351 6.00 -14.15 -1.49
C GLN B 351 4.61 -14.61 -1.93
N GLU B 352 3.61 -14.40 -1.08
CA GLU B 352 2.24 -14.77 -1.42
C GLU B 352 1.72 -13.98 -2.62
N ARG B 353 1.37 -14.70 -3.68
CA ARG B 353 0.68 -14.12 -4.82
C ARG B 353 -0.41 -15.09 -5.27
N GLY B 354 -1.42 -14.57 -5.96
CA GLY B 354 -2.48 -15.42 -6.47
C GLY B 354 -3.65 -14.68 -7.09
N LEU B 355 -4.84 -15.21 -6.87
CA LEU B 355 -6.05 -14.70 -7.49
C LEU B 355 -7.04 -14.33 -6.40
N ALA B 356 -7.45 -13.07 -6.35
CA ALA B 356 -8.59 -12.67 -5.55
C ALA B 356 -9.88 -13.04 -6.29
N PHE B 357 -10.41 -14.21 -5.97
CA PHE B 357 -11.45 -14.83 -6.79
C PHE B 357 -12.82 -14.27 -6.42
N VAL B 358 -13.56 -13.83 -7.43
CA VAL B 358 -14.88 -13.27 -7.22
C VAL B 358 -15.83 -13.85 -8.26
N ALA B 359 -16.83 -14.59 -7.79
CA ALA B 359 -17.87 -15.11 -8.66
C ALA B 359 -19.24 -14.62 -8.21
N TYR B 360 -20.06 -14.21 -9.18
CA TYR B 360 -21.44 -13.81 -8.93
C TYR B 360 -22.42 -14.83 -9.50
N GLN B 361 -23.51 -15.05 -8.78
CA GLN B 361 -24.53 -16.03 -9.17
C GLN B 361 -25.72 -15.81 -8.25
N ALA B 362 -26.91 -16.17 -8.71
CA ALA B 362 -28.12 -15.97 -7.90
C ALA B 362 -28.34 -17.13 -6.93
N GLN B 363 -27.73 -18.27 -7.25
CA GLN B 363 -27.82 -19.47 -6.42
C GLN B 363 -26.44 -20.08 -6.24
N LEU B 364 -25.93 -20.04 -5.01
CA LEU B 364 -24.56 -20.46 -4.73
C LEU B 364 -24.40 -21.96 -4.95
N SER B 365 -25.48 -22.70 -4.74
CA SER B 365 -25.44 -24.15 -4.89
C SER B 365 -25.38 -24.55 -6.35
N GLN B 366 -25.70 -23.60 -7.24
CA GLN B 366 -25.67 -23.86 -8.68
C GLN B 366 -24.36 -23.38 -9.30
N GLY B 367 -23.75 -22.37 -8.67
CA GLY B 367 -22.57 -21.73 -9.24
C GLY B 367 -21.27 -22.19 -8.62
N PHE B 368 -20.54 -21.25 -8.00
CA PHE B 368 -19.19 -21.52 -7.54
C PHE B 368 -19.11 -22.86 -6.80
N HIS B 369 -20.00 -23.03 -5.83
CA HIS B 369 -19.98 -24.20 -4.95
C HIS B 369 -20.20 -25.48 -5.73
N PHE B 370 -21.12 -25.44 -6.70
CA PHE B 370 -21.40 -26.60 -7.57
C PHE B 370 -20.19 -26.91 -8.44
N LEU B 371 -19.66 -25.88 -9.09
CA LEU B 371 -18.49 -26.04 -9.95
C LEU B 371 -17.31 -26.65 -9.19
N GLN B 372 -17.09 -26.17 -7.97
CA GLN B 372 -15.95 -26.64 -7.19
C GLN B 372 -16.11 -28.10 -6.77
N GLN B 373 -17.26 -28.42 -6.17
CA GLN B 373 -17.47 -29.72 -5.56
C GLN B 373 -17.93 -30.79 -6.55
N THR B 374 -18.94 -30.47 -7.36
CA THR B 374 -19.58 -31.49 -8.18
C THR B 374 -18.90 -31.71 -9.54
N TRP B 375 -18.19 -30.70 -10.01
CA TRP B 375 -17.45 -30.82 -11.26
C TRP B 375 -15.93 -30.89 -11.06
N ALA B 376 -15.34 -29.77 -10.64
CA ALA B 376 -13.88 -29.67 -10.56
C ALA B 376 -13.25 -30.72 -9.63
N ASP B 377 -13.86 -30.95 -8.47
CA ASP B 377 -13.34 -31.89 -7.49
C ASP B 377 -13.80 -33.32 -7.79
N ASN B 378 -14.61 -33.49 -8.82
CA ASN B 378 -15.23 -34.78 -9.09
C ASN B 378 -14.44 -35.58 -10.12
N ALA B 379 -13.81 -36.66 -9.66
CA ALA B 379 -12.91 -37.44 -10.52
C ALA B 379 -13.66 -38.09 -11.68
N ASN B 380 -14.96 -38.18 -11.54
CA ASN B 380 -15.78 -38.83 -12.55
C ASN B 380 -16.65 -37.84 -13.31
N PHE B 381 -16.24 -36.58 -13.30
CA PHE B 381 -16.85 -35.57 -14.16
C PHE B 381 -15.87 -35.06 -15.22
N PRO B 382 -16.33 -34.92 -16.45
CA PRO B 382 -17.74 -35.17 -16.79
C PRO B 382 -18.05 -36.65 -17.00
N PRO B 383 -19.35 -36.99 -16.99
CA PRO B 383 -19.80 -38.37 -17.13
C PRO B 383 -19.67 -38.88 -18.56
N GLY B 384 -19.68 -40.19 -18.73
CA GLY B 384 -19.81 -40.80 -20.05
C GLY B 384 -18.55 -40.76 -20.89
N LYS B 385 -17.40 -40.64 -20.23
CA LYS B 385 -16.13 -40.58 -20.94
C LYS B 385 -15.42 -41.93 -20.93
N THR B 386 -14.53 -42.14 -21.89
CA THR B 386 -13.61 -43.27 -21.85
C THR B 386 -12.17 -42.79 -21.97
N PRO B 387 -11.34 -43.09 -20.97
CA PRO B 387 -11.76 -43.83 -19.77
C PRO B 387 -12.69 -43.03 -18.86
N ALA B 388 -13.42 -43.74 -18.00
CA ALA B 388 -14.47 -43.13 -17.19
C ALA B 388 -13.90 -42.14 -16.17
N THR B 389 -12.74 -42.47 -15.59
CA THR B 389 -12.11 -41.57 -14.65
C THR B 389 -11.37 -40.43 -15.34
N VAL B 390 -11.92 -39.23 -15.19
CA VAL B 390 -11.35 -38.04 -15.78
C VAL B 390 -10.24 -37.52 -14.87
N GLY B 391 -10.43 -37.68 -13.57
CA GLY B 391 -9.53 -37.11 -12.59
C GLY B 391 -9.97 -35.72 -12.20
N LEU B 392 -9.21 -35.06 -11.33
CA LEU B 392 -9.59 -33.75 -10.82
C LEU B 392 -9.13 -32.62 -11.75
N ASP B 393 -9.70 -31.44 -11.56
CA ASP B 393 -9.24 -30.24 -12.24
C ASP B 393 -7.82 -29.92 -11.80
N PRO B 394 -6.88 -29.85 -12.74
CA PRO B 394 -5.47 -29.67 -12.41
C PRO B 394 -5.18 -28.28 -11.84
N ILE B 395 -6.06 -27.32 -12.12
CA ILE B 395 -5.88 -25.97 -11.60
C ILE B 395 -6.47 -25.81 -10.19
N ILE B 396 -7.74 -26.17 -10.01
CA ILE B 396 -8.47 -25.82 -8.80
C ILE B 396 -8.97 -27.03 -8.02
N GLY B 397 -8.84 -28.21 -8.62
CA GLY B 397 -9.33 -29.44 -8.00
C GLY B 397 -8.61 -29.74 -6.70
N GLN B 398 -9.37 -30.13 -5.68
CA GLN B 398 -8.82 -30.34 -4.35
C GLN B 398 -9.15 -31.73 -3.83
N ASN B 399 -8.25 -32.28 -3.02
CA ASN B 399 -8.50 -33.55 -2.35
C ASN B 399 -7.85 -33.63 -0.98
N ASN B 400 -8.28 -32.76 -0.06
CA ASN B 400 -7.78 -32.75 1.31
C ASN B 400 -6.26 -32.64 1.38
N GLY B 401 -5.67 -31.86 0.48
CA GLY B 401 -4.24 -31.59 0.51
C GLY B 401 -3.44 -32.55 -0.37
N GLN B 402 -4.03 -33.70 -0.67
CA GLN B 402 -3.35 -34.72 -1.49
C GLN B 402 -3.06 -34.21 -2.89
N PRO B 403 -1.88 -34.56 -3.43
CA PRO B 403 -1.69 -34.35 -4.86
C PRO B 403 -2.85 -34.93 -5.66
N ARG B 404 -3.12 -34.33 -6.81
CA ARG B 404 -4.34 -34.62 -7.55
C ARG B 404 -4.05 -35.54 -8.74
N VAL B 405 -4.82 -36.62 -8.85
CA VAL B 405 -4.70 -37.51 -9.99
C VAL B 405 -5.50 -36.99 -11.18
N VAL B 406 -4.81 -36.66 -12.25
CA VAL B 406 -5.40 -36.00 -13.40
C VAL B 406 -5.12 -36.77 -14.69
N ASN B 407 -6.17 -37.07 -15.45
CA ASN B 407 -6.03 -37.86 -16.68
C ASN B 407 -6.27 -37.08 -17.96
N GLY B 408 -5.74 -37.60 -19.07
CA GLY B 408 -6.03 -37.05 -20.39
C GLY B 408 -5.05 -35.98 -20.84
N LEU B 409 -4.15 -35.57 -19.96
CA LEU B 409 -3.29 -34.41 -20.22
C LEU B 409 -2.28 -34.68 -21.33
N LEU B 410 -1.79 -35.92 -21.39
CA LEU B 410 -0.74 -36.29 -22.34
C LEU B 410 -1.34 -36.70 -23.69
N PRO B 411 -1.05 -35.90 -24.72
CA PRO B 411 -1.71 -35.94 -26.03
C PRO B 411 -1.66 -37.31 -26.71
N SER B 412 -0.69 -38.13 -26.32
CA SER B 412 -0.40 -39.36 -27.07
C SER B 412 -0.82 -40.60 -26.28
N ASN B 413 -1.45 -40.38 -25.13
CA ASN B 413 -2.08 -41.48 -24.40
C ASN B 413 -2.98 -40.95 -23.30
N SER B 414 -4.29 -41.00 -23.53
CA SER B 414 -5.23 -40.32 -22.65
C SER B 414 -5.53 -41.16 -21.41
N SER B 415 -4.95 -42.35 -21.35
CA SER B 415 -5.02 -43.17 -20.16
C SER B 415 -3.90 -42.80 -19.19
N ALA B 416 -2.86 -42.14 -19.71
CA ALA B 416 -1.73 -41.75 -18.90
C ALA B 416 -2.12 -40.69 -17.85
N SER B 417 -1.96 -41.04 -16.59
CA SER B 417 -2.31 -40.16 -15.49
C SER B 417 -1.11 -39.35 -15.05
N LEU B 418 -1.37 -38.24 -14.38
CA LEU B 418 -0.34 -37.53 -13.62
C LEU B 418 -0.80 -37.33 -12.18
N SER B 419 0.13 -37.41 -11.25
CA SER B 419 -0.13 -36.98 -9.89
C SER B 419 0.41 -35.57 -9.70
N ILE B 420 -0.50 -34.63 -9.45
CA ILE B 420 -0.15 -33.22 -9.52
C ILE B 420 -0.33 -32.55 -8.16
N PRO B 421 0.77 -32.06 -7.59
CA PRO B 421 0.65 -31.30 -6.35
C PRO B 421 -0.29 -30.12 -6.56
N GLN B 422 -0.96 -29.69 -5.50
CA GLN B 422 -1.68 -28.42 -5.55
C GLN B 422 -0.75 -27.29 -5.95
N PHE B 423 -1.13 -26.56 -7.01
CA PHE B 423 -0.46 -25.31 -7.32
C PHE B 423 -1.28 -24.09 -6.92
N VAL B 424 -2.54 -24.33 -6.54
CA VAL B 424 -3.39 -23.28 -6.00
C VAL B 424 -3.80 -23.67 -4.59
N VAL B 425 -3.60 -22.75 -3.65
CA VAL B 425 -3.89 -23.01 -2.25
C VAL B 425 -4.97 -22.06 -1.77
N SER B 426 -6.07 -22.61 -1.26
CA SER B 426 -7.17 -21.82 -0.76
C SER B 426 -6.84 -21.30 0.63
N HIS B 427 -6.89 -19.98 0.78
CA HIS B 427 -6.86 -19.36 2.09
C HIS B 427 -8.25 -18.86 2.43
N GLY B 428 -9.25 -19.47 1.80
CA GLY B 428 -10.62 -19.27 2.21
C GLY B 428 -11.19 -17.94 1.77
N GLY B 429 -12.32 -17.58 2.37
CA GLY B 429 -13.08 -16.42 1.92
C GLY B 429 -14.45 -16.47 2.57
N GLU B 430 -15.44 -15.90 1.88
CA GLU B 430 -16.76 -15.73 2.45
C GLU B 430 -17.81 -15.52 1.36
N TYR B 431 -19.06 -15.81 1.70
CA TYR B 431 -20.18 -15.60 0.81
C TYR B 431 -20.90 -14.31 1.20
N PHE B 432 -21.07 -13.40 0.24
CA PHE B 432 -21.78 -12.14 0.50
C PHE B 432 -23.00 -12.01 -0.41
N PHE B 433 -23.88 -11.08 -0.07
CA PHE B 433 -24.92 -10.66 -0.99
C PHE B 433 -24.68 -9.25 -1.41
N SER B 434 -24.59 -9.04 -2.71
CA SER B 434 -24.43 -7.73 -3.29
C SER B 434 -25.80 -7.14 -3.59
N PRO B 435 -26.31 -6.30 -2.68
CA PRO B 435 -27.69 -5.85 -2.83
C PRO B 435 -27.83 -4.90 -4.01
N PRO B 436 -29.04 -4.80 -4.57
CA PRO B 436 -29.28 -3.73 -5.53
C PRO B 436 -29.08 -2.39 -4.84
N ILE B 437 -28.77 -1.36 -5.61
CA ILE B 437 -28.32 -0.10 -5.05
C ILE B 437 -29.40 0.57 -4.21
N SER B 438 -30.66 0.35 -4.56
CA SER B 438 -31.78 0.92 -3.83
C SER B 438 -31.91 0.34 -2.41
N ALA B 439 -31.40 -0.87 -2.21
CA ALA B 439 -31.49 -1.49 -0.90
C ALA B 439 -30.48 -0.89 0.07
N ILE B 440 -29.41 -0.32 -0.48
CA ILE B 440 -28.31 0.21 0.31
C ILE B 440 -28.73 1.45 1.11
N GLY B 441 -29.34 2.41 0.44
CA GLY B 441 -29.97 3.54 1.11
C GLY B 441 -31.44 3.26 1.44
N GLY B 442 -31.90 2.07 1.11
CA GLY B 442 -33.27 1.66 1.42
C GLY B 442 -33.34 0.69 2.57
N ARG B 443 -33.73 -0.55 2.30
CA ARG B 443 -34.06 -1.50 3.35
C ARG B 443 -32.94 -1.63 4.37
N LEU B 444 -31.69 -1.66 3.88
CA LEU B 444 -30.57 -2.06 4.72
C LEU B 444 -30.20 -0.96 5.71
N SER B 445 -30.59 0.27 5.40
CA SER B 445 -30.32 1.39 6.28
C SER B 445 -31.56 1.78 7.06
N ALA B 446 -32.58 0.91 7.01
CA ALA B 446 -33.84 1.19 7.69
C ALA B 446 -33.78 0.82 9.17
#